data_1OJY
#
_entry.id   1OJY
#
_cell.length_a   51.829
_cell.length_b   78.694
_cell.length_c   80.903
_cell.angle_alpha   72.70
_cell.angle_beta   79.38
_cell.angle_gamma   81.70
#
_symmetry.space_group_name_H-M   'P 1'
#
loop_
_entity.id
_entity.type
_entity.pdbx_description
1 polymer 'COMPLEMENT DECAY-ACCELERATING FACTOR'
2 non-polymer 'ACETATE ION'
3 non-polymer GLYCEROL
4 non-polymer 'SULFATE ION'
5 water water
#
_entity_poly.entity_id   1
_entity_poly.type   'polypeptide(L)'
_entity_poly.pdbx_seq_one_letter_code
;MQDCGLPPDVPNAQPALEGRTSFPEDTVITYKCEESFVKIPGEKDSVICLKGSQWSDIEEFCNRSCEVPTRLNSASLKQP
YITQNYFPVGTVVEYECRPGYRREPSLSPKLTCLQNLKWSTAVEFCKKKSCPNPGEIRNGQIDVPGGILFGATISFSCNT
GYKLFGSTSSFCLISGSSVQWSDPLPECREIYCPAPPQIDNGIIQGERDHYGYRQSVTYACNKGFTMIGEHSIYCTVNND
EGEWSGPPPECRGC
;
_entity_poly.pdbx_strand_id   A,B,C,D
#
loop_
_chem_comp.id
_chem_comp.type
_chem_comp.name
_chem_comp.formula
ACT non-polymer 'ACETATE ION' 'C2 H3 O2 -1'
GOL non-polymer GLYCEROL 'C3 H8 O3'
SO4 non-polymer 'SULFATE ION' 'O4 S -2'
#
# COMPACT_ATOMS: atom_id res chain seq x y z
N GLN A 2 -15.61 -53.02 -106.73
CA GLN A 2 -15.02 -53.93 -105.77
C GLN A 2 -14.90 -53.28 -104.38
N ASP A 3 -15.83 -52.38 -104.08
CA ASP A 3 -15.81 -51.67 -102.81
C ASP A 3 -17.14 -51.89 -102.09
N CYS A 4 -17.08 -52.25 -100.81
CA CYS A 4 -18.29 -52.49 -100.04
C CYS A 4 -18.98 -51.20 -99.65
N GLY A 5 -20.31 -51.24 -99.57
CA GLY A 5 -21.09 -50.10 -99.14
C GLY A 5 -21.11 -50.05 -97.62
N LEU A 6 -22.19 -49.52 -97.06
CA LEU A 6 -22.32 -49.41 -95.62
C LEU A 6 -22.59 -50.76 -95.00
N PRO A 7 -21.88 -51.08 -93.92
CA PRO A 7 -22.05 -52.34 -93.23
C PRO A 7 -23.53 -52.60 -92.96
N PRO A 8 -23.87 -53.85 -92.71
CA PRO A 8 -25.26 -54.22 -92.45
C PRO A 8 -25.75 -53.57 -91.16
N ASP A 9 -27.05 -53.71 -90.90
CA ASP A 9 -27.64 -53.15 -89.70
C ASP A 9 -27.71 -54.18 -88.58
N VAL A 10 -27.02 -53.89 -87.48
CA VAL A 10 -27.00 -54.79 -86.33
C VAL A 10 -27.70 -54.14 -85.14
N PRO A 11 -28.75 -54.81 -84.65
CA PRO A 11 -29.55 -54.31 -83.54
C PRO A 11 -28.73 -54.00 -82.28
N ASN A 12 -28.87 -52.79 -81.77
CA ASN A 12 -28.19 -52.38 -80.55
C ASN A 12 -26.70 -52.14 -80.74
N ALA A 13 -26.28 -52.06 -82.00
CA ALA A 13 -24.87 -51.82 -82.31
C ALA A 13 -24.69 -50.83 -83.46
N GLN A 14 -23.64 -50.02 -83.38
CA GLN A 14 -23.35 -49.03 -84.40
C GLN A 14 -21.92 -49.18 -84.91
N PRO A 15 -21.78 -49.51 -86.19
CA PRO A 15 -20.47 -49.71 -86.81
C PRO A 15 -19.64 -48.44 -86.83
N ALA A 16 -18.37 -48.58 -86.45
CA ALA A 16 -17.44 -47.46 -86.45
C ALA A 16 -16.92 -47.19 -87.86
N LEU A 17 -17.62 -46.34 -88.59
CA LEU A 17 -17.23 -45.99 -89.95
C LEU A 17 -16.07 -45.00 -89.97
N GLU A 18 -16.25 -43.88 -89.28
CA GLU A 18 -15.21 -42.85 -89.09
C GLU A 18 -14.39 -42.40 -90.29
N GLY A 19 -15.01 -41.67 -91.21
CA GLY A 19 -16.45 -41.51 -91.28
C GLY A 19 -16.72 -41.80 -92.74
N ARG A 20 -16.11 -42.87 -93.22
CA ARG A 20 -16.12 -43.24 -94.62
C ARG A 20 -17.47 -43.59 -95.21
N THR A 21 -17.42 -43.99 -96.49
CA THR A 21 -18.60 -44.34 -97.25
C THR A 21 -18.27 -45.58 -98.08
N SER A 22 -17.06 -45.61 -98.63
CA SER A 22 -16.60 -46.73 -99.42
C SER A 22 -15.50 -47.46 -98.66
N PHE A 23 -15.65 -48.77 -98.52
CA PHE A 23 -14.68 -49.57 -97.81
C PHE A 23 -14.02 -50.60 -98.71
N PRO A 24 -12.73 -50.40 -98.95
CA PRO A 24 -11.96 -51.31 -99.79
C PRO A 24 -11.96 -52.72 -99.22
N GLU A 25 -11.83 -53.70 -100.12
CA GLU A 25 -11.79 -55.11 -99.74
C GLU A 25 -10.86 -55.30 -98.54
N ASP A 26 -11.19 -56.26 -97.68
CA ASP A 26 -10.38 -56.54 -96.49
C ASP A 26 -10.60 -55.53 -95.38
N THR A 27 -11.48 -54.56 -95.64
CA THR A 27 -11.75 -53.56 -94.63
C THR A 27 -12.58 -54.15 -93.51
N VAL A 28 -12.01 -54.14 -92.30
CA VAL A 28 -12.66 -54.71 -91.14
C VAL A 28 -13.35 -53.65 -90.30
N ILE A 29 -14.67 -53.72 -90.25
CA ILE A 29 -15.45 -52.77 -89.46
C ILE A 29 -15.92 -53.40 -88.15
N THR A 30 -15.64 -52.71 -87.04
CA THR A 30 -16.04 -53.17 -85.73
C THR A 30 -17.31 -52.45 -85.30
N TYR A 31 -18.27 -53.20 -84.78
CA TYR A 31 -19.52 -52.63 -84.29
C TYR A 31 -19.41 -52.35 -82.79
N LYS A 32 -19.99 -51.24 -82.35
CA LYS A 32 -20.01 -50.91 -80.92
C LYS A 32 -21.44 -50.99 -80.39
N CYS A 33 -21.62 -51.66 -79.26
CA CYS A 33 -22.95 -51.78 -78.67
C CYS A 33 -23.46 -50.43 -78.19
N GLU A 34 -24.77 -50.23 -78.27
CA GLU A 34 -25.39 -48.98 -77.86
C GLU A 34 -25.54 -48.93 -76.33
N GLU A 35 -25.72 -47.72 -75.80
CA GLU A 35 -25.87 -47.50 -74.36
C GLU A 35 -26.78 -48.54 -73.73
N SER A 36 -26.40 -49.01 -72.54
CA SER A 36 -27.17 -50.02 -71.82
C SER A 36 -26.96 -51.39 -72.44
N PHE A 37 -25.93 -51.50 -73.27
CA PHE A 37 -25.60 -52.76 -73.93
C PHE A 37 -24.10 -53.02 -73.87
N VAL A 38 -23.74 -54.28 -73.66
CA VAL A 38 -22.34 -54.67 -73.65
C VAL A 38 -22.15 -55.91 -74.50
N LYS A 39 -21.03 -55.97 -75.21
CA LYS A 39 -20.76 -57.09 -76.11
C LYS A 39 -20.68 -58.41 -75.34
N ILE A 40 -21.39 -59.43 -75.83
CA ILE A 40 -21.38 -60.74 -75.21
C ILE A 40 -20.04 -61.40 -75.52
N PRO A 41 -19.29 -61.69 -74.48
CA PRO A 41 -17.94 -62.21 -74.65
C PRO A 41 -17.86 -63.37 -75.63
N GLY A 42 -16.85 -63.33 -76.50
CA GLY A 42 -16.59 -64.40 -77.45
C GLY A 42 -17.44 -64.39 -78.71
N GLU A 43 -18.31 -63.41 -78.83
CA GLU A 43 -19.17 -63.33 -80.01
C GLU A 43 -18.62 -62.37 -81.05
N LYS A 44 -18.91 -62.66 -82.32
CA LYS A 44 -18.45 -61.84 -83.43
C LYS A 44 -19.03 -60.45 -83.32
N ASP A 45 -18.17 -59.45 -83.27
CA ASP A 45 -18.58 -58.07 -83.16
C ASP A 45 -18.08 -57.24 -84.35
N SER A 46 -17.63 -57.93 -85.40
CA SER A 46 -17.09 -57.24 -86.57
C SER A 46 -17.38 -57.95 -87.89
N VAL A 47 -17.24 -57.19 -88.97
CA VAL A 47 -17.41 -57.74 -90.31
C VAL A 47 -16.21 -57.38 -91.15
N ILE A 48 -16.19 -57.88 -92.37
CA ILE A 48 -15.09 -57.59 -93.28
C ILE A 48 -15.58 -57.60 -94.70
N CYS A 49 -15.06 -56.65 -95.48
CA CYS A 49 -15.43 -56.54 -96.88
C CYS A 49 -14.80 -57.69 -97.66
N LEU A 50 -15.64 -58.60 -98.15
CA LEU A 50 -15.19 -59.77 -98.88
C LEU A 50 -15.22 -59.52 -100.37
N LYS A 51 -14.80 -60.50 -101.14
CA LYS A 51 -14.83 -60.39 -102.60
C LYS A 51 -16.28 -60.36 -103.05
N GLY A 52 -16.59 -59.46 -103.98
CA GLY A 52 -17.94 -59.34 -104.48
C GLY A 52 -18.69 -58.24 -103.73
N SER A 53 -17.93 -57.32 -103.14
CA SER A 53 -18.52 -56.22 -102.38
C SER A 53 -19.55 -56.80 -101.40
N GLN A 54 -19.13 -57.84 -100.69
CA GLN A 54 -19.99 -58.52 -99.76
C GLN A 54 -19.37 -58.46 -98.37
N TRP A 55 -20.13 -57.96 -97.41
CA TRP A 55 -19.66 -57.93 -96.03
C TRP A 55 -19.82 -59.32 -95.42
N SER A 56 -18.87 -59.71 -94.59
CA SER A 56 -18.99 -60.97 -93.86
C SER A 56 -20.32 -61.00 -93.11
N ASP A 57 -20.67 -62.15 -92.55
CA ASP A 57 -21.89 -62.26 -91.78
C ASP A 57 -21.68 -61.85 -90.32
N ILE A 58 -22.73 -61.31 -89.72
CA ILE A 58 -22.69 -60.90 -88.33
C ILE A 58 -24.10 -60.86 -87.78
N GLU A 59 -24.24 -61.18 -86.50
CA GLU A 59 -25.55 -61.16 -85.85
C GLU A 59 -25.45 -60.53 -84.48
N GLU A 60 -26.59 -60.36 -83.83
CA GLU A 60 -26.66 -59.73 -82.51
C GLU A 60 -25.63 -60.30 -81.54
N PHE A 61 -24.80 -59.42 -80.99
CA PHE A 61 -23.76 -59.82 -80.05
C PHE A 61 -23.84 -59.00 -78.78
N CYS A 62 -24.85 -58.15 -78.69
CA CYS A 62 -25.01 -57.27 -77.55
C CYS A 62 -26.13 -57.69 -76.61
N ASN A 63 -25.93 -57.98 -75.31
CA ASN A 63 -26.94 -58.22 -74.30
C ASN A 63 -27.08 -57.04 -73.34
N ARG A 64 -28.27 -56.85 -72.79
CA ARG A 64 -28.50 -55.79 -71.81
C ARG A 64 -27.64 -56.06 -70.60
N SER A 65 -27.06 -55.01 -70.04
CA SER A 65 -26.18 -55.15 -68.88
C SER A 65 -26.15 -53.91 -68.00
N CYS A 66 -25.81 -54.10 -66.73
CA CYS A 66 -25.69 -53.01 -65.78
C CYS A 66 -24.43 -52.21 -66.08
N GLU A 67 -24.42 -50.96 -65.64
CA GLU A 67 -23.23 -50.15 -65.78
C GLU A 67 -22.17 -50.76 -64.87
N VAL A 68 -20.92 -50.35 -65.00
CA VAL A 68 -19.88 -50.86 -64.14
C VAL A 68 -20.32 -50.61 -62.70
N PRO A 69 -20.13 -51.60 -61.85
CA PRO A 69 -20.58 -51.51 -60.47
C PRO A 69 -20.29 -50.15 -59.86
N THR A 70 -21.08 -49.80 -58.86
CA THR A 70 -20.99 -48.51 -58.21
C THR A 70 -19.74 -48.37 -57.31
N ARG A 71 -18.99 -47.28 -57.50
CA ARG A 71 -17.82 -47.05 -56.68
C ARG A 71 -18.21 -46.65 -55.27
N LEU A 72 -17.70 -47.37 -54.28
CA LEU A 72 -18.00 -47.09 -52.89
C LEU A 72 -16.74 -46.73 -52.13
N ASN A 73 -16.90 -45.96 -51.06
CA ASN A 73 -15.77 -45.55 -50.25
C ASN A 73 -15.32 -46.70 -49.32
N SER A 74 -16.30 -47.45 -48.83
CA SER A 74 -16.07 -48.52 -47.85
C SER A 74 -15.51 -49.81 -48.43
N ALA A 75 -15.88 -50.11 -49.66
CA ALA A 75 -15.49 -51.38 -50.26
C ALA A 75 -15.02 -51.25 -51.69
N SER A 76 -14.13 -52.17 -52.08
CA SER A 76 -13.62 -52.24 -53.43
C SER A 76 -14.03 -53.56 -54.05
N LEU A 77 -14.14 -53.58 -55.37
CA LEU A 77 -14.55 -54.78 -56.08
C LEU A 77 -13.49 -55.87 -55.97
N LYS A 78 -13.93 -57.11 -55.98
CA LYS A 78 -13.03 -58.26 -55.95
C LYS A 78 -12.93 -58.82 -57.37
N GLN A 79 -11.85 -59.53 -57.68
CA GLN A 79 -11.70 -60.14 -59.00
C GLN A 79 -12.71 -61.26 -59.19
N PRO A 80 -13.16 -61.45 -60.42
CA PRO A 80 -12.65 -60.72 -61.57
C PRO A 80 -13.46 -59.47 -61.86
N TYR A 81 -14.56 -59.30 -61.14
CA TYR A 81 -15.45 -58.15 -61.32
C TYR A 81 -14.69 -56.85 -61.52
N ILE A 82 -13.52 -56.77 -60.89
CA ILE A 82 -12.67 -55.59 -60.95
C ILE A 82 -12.30 -55.13 -62.37
N THR A 83 -12.41 -56.03 -63.34
CA THR A 83 -12.08 -55.69 -64.73
C THR A 83 -13.18 -56.09 -65.72
N GLN A 84 -14.31 -56.54 -65.19
CA GLN A 84 -15.43 -56.96 -66.02
C GLN A 84 -16.25 -55.75 -66.48
N ASN A 85 -16.94 -55.92 -67.60
CA ASN A 85 -17.82 -54.87 -68.13
C ASN A 85 -19.15 -55.49 -68.57
N TYR A 86 -19.18 -56.81 -68.66
CA TYR A 86 -20.38 -57.52 -69.08
C TYR A 86 -21.17 -58.01 -67.86
N PHE A 87 -22.21 -57.27 -67.50
CA PHE A 87 -23.04 -57.61 -66.35
C PHE A 87 -24.50 -57.81 -66.73
N PRO A 88 -24.79 -58.94 -67.36
CA PRO A 88 -26.15 -59.26 -67.75
C PRO A 88 -27.03 -59.36 -66.52
N VAL A 89 -28.33 -59.12 -66.70
CA VAL A 89 -29.26 -59.17 -65.59
C VAL A 89 -29.09 -60.48 -64.85
N GLY A 90 -28.88 -60.41 -63.54
CA GLY A 90 -28.68 -61.60 -62.73
C GLY A 90 -27.24 -61.69 -62.24
N THR A 91 -26.36 -60.91 -62.84
CA THR A 91 -24.97 -60.87 -62.44
C THR A 91 -24.83 -60.39 -61.00
N VAL A 92 -24.05 -61.12 -60.21
CA VAL A 92 -23.83 -60.77 -58.83
C VAL A 92 -22.34 -60.56 -58.57
N VAL A 93 -21.98 -59.37 -58.10
CA VAL A 93 -20.59 -59.02 -57.83
C VAL A 93 -20.32 -58.98 -56.33
N GLU A 94 -19.05 -59.16 -55.95
CA GLU A 94 -18.67 -59.15 -54.56
C GLU A 94 -17.59 -58.10 -54.26
N TYR A 95 -17.76 -57.41 -53.14
CA TYR A 95 -16.80 -56.40 -52.73
C TYR A 95 -15.96 -56.86 -51.58
N GLU A 96 -14.84 -56.19 -51.37
CA GLU A 96 -13.94 -56.46 -50.27
C GLU A 96 -13.67 -55.14 -49.57
N CYS A 97 -13.79 -55.12 -48.25
CA CYS A 97 -13.60 -53.89 -47.49
C CYS A 97 -12.30 -53.18 -47.88
N ARG A 98 -12.37 -51.86 -48.01
CA ARG A 98 -11.18 -51.05 -48.31
C ARG A 98 -10.40 -50.88 -47.02
N PRO A 99 -9.43 -49.98 -47.05
CA PRO A 99 -8.66 -49.64 -45.85
C PRO A 99 -8.98 -48.19 -45.49
N GLY A 100 -9.40 -47.96 -44.25
CA GLY A 100 -9.53 -49.02 -43.26
C GLY A 100 -10.99 -49.20 -42.88
N TYR A 101 -11.61 -50.22 -43.45
CA TYR A 101 -13.00 -50.55 -43.17
C TYR A 101 -13.05 -51.99 -42.74
N ARG A 102 -14.15 -52.39 -42.11
CA ARG A 102 -14.30 -53.75 -41.64
C ARG A 102 -15.67 -54.32 -42.01
N ARG A 103 -15.69 -55.61 -42.33
CA ARG A 103 -16.92 -56.27 -42.76
C ARG A 103 -18.00 -56.32 -41.68
N GLU A 104 -19.24 -56.10 -42.10
CA GLU A 104 -20.40 -56.22 -41.21
C GLU A 104 -21.04 -57.59 -41.44
N PRO A 105 -20.80 -58.49 -40.50
CA PRO A 105 -21.25 -59.88 -40.58
C PRO A 105 -22.72 -60.06 -40.94
N SER A 106 -23.54 -59.07 -40.60
CA SER A 106 -24.97 -59.17 -40.83
C SER A 106 -25.41 -58.85 -42.26
N LEU A 107 -24.46 -58.46 -43.10
CA LEU A 107 -24.81 -58.04 -44.46
C LEU A 107 -23.95 -58.61 -45.58
N SER A 108 -24.55 -58.70 -46.76
CA SER A 108 -23.88 -59.23 -47.95
C SER A 108 -23.03 -58.18 -48.63
N PRO A 109 -21.78 -58.53 -48.91
CA PRO A 109 -20.88 -57.64 -49.62
C PRO A 109 -21.08 -57.84 -51.12
N LYS A 110 -22.27 -58.27 -51.49
CA LYS A 110 -22.57 -58.58 -52.88
C LYS A 110 -23.67 -57.70 -53.45
N LEU A 111 -23.63 -57.50 -54.76
CA LEU A 111 -24.63 -56.69 -55.44
C LEU A 111 -25.20 -57.46 -56.62
N THR A 112 -26.47 -57.24 -56.91
CA THR A 112 -27.12 -57.95 -57.99
C THR A 112 -27.59 -57.00 -59.05
N CYS A 113 -27.46 -57.41 -60.31
CA CYS A 113 -27.87 -56.58 -61.44
C CYS A 113 -29.35 -56.81 -61.71
N LEU A 114 -30.18 -55.86 -61.31
CA LEU A 114 -31.61 -56.00 -61.45
C LEU A 114 -32.05 -55.94 -62.91
N GLN A 115 -33.33 -56.23 -63.15
CA GLN A 115 -33.87 -56.24 -64.50
C GLN A 115 -33.81 -54.85 -65.11
N ASN A 116 -33.88 -53.83 -64.26
CA ASN A 116 -33.86 -52.44 -64.71
C ASN A 116 -32.43 -51.94 -64.96
N LEU A 117 -31.49 -52.87 -65.06
CA LEU A 117 -30.09 -52.52 -65.32
C LEU A 117 -29.54 -51.64 -64.20
N LYS A 118 -30.13 -51.77 -63.03
CA LYS A 118 -29.67 -51.04 -61.86
C LYS A 118 -29.10 -52.04 -60.88
N TRP A 119 -27.99 -51.69 -60.23
CA TRP A 119 -27.38 -52.54 -59.21
C TRP A 119 -28.22 -52.43 -57.96
N SER A 120 -28.40 -53.55 -57.26
CA SER A 120 -29.21 -53.55 -56.04
C SER A 120 -28.65 -52.58 -55.00
N THR A 121 -29.56 -52.02 -54.20
CA THR A 121 -29.18 -51.05 -53.16
C THR A 121 -28.12 -51.63 -52.25
N ALA A 122 -27.03 -50.90 -52.06
CA ALA A 122 -25.94 -51.37 -51.20
C ALA A 122 -26.19 -51.04 -49.73
N VAL A 123 -25.83 -51.97 -48.86
CA VAL A 123 -25.95 -51.75 -47.42
C VAL A 123 -24.57 -51.37 -46.85
N GLU A 124 -24.48 -51.37 -45.53
CA GLU A 124 -23.23 -51.03 -44.86
C GLU A 124 -22.46 -52.28 -44.53
N PHE A 125 -22.26 -53.14 -45.53
CA PHE A 125 -21.54 -54.37 -45.31
C PHE A 125 -20.11 -54.14 -44.88
N CYS A 126 -19.59 -52.95 -45.18
CA CYS A 126 -18.24 -52.56 -44.78
C CYS A 126 -18.29 -51.23 -44.03
N LYS A 127 -18.02 -51.27 -42.72
CA LYS A 127 -18.05 -50.07 -41.90
C LYS A 127 -16.67 -49.55 -41.54
N LYS A 128 -16.61 -48.32 -41.04
CA LYS A 128 -15.35 -47.70 -40.65
C LYS A 128 -14.76 -48.38 -39.42
N LYS A 129 -13.47 -48.69 -39.49
CA LYS A 129 -12.78 -49.30 -38.36
C LYS A 129 -12.67 -48.24 -37.27
N SER A 130 -12.98 -48.63 -36.04
CA SER A 130 -12.89 -47.69 -34.93
C SER A 130 -11.47 -47.57 -34.40
N CYS A 131 -11.08 -46.34 -34.07
CA CYS A 131 -9.76 -46.08 -33.53
C CYS A 131 -9.73 -46.43 -32.06
N PRO A 132 -8.54 -46.60 -31.52
CA PRO A 132 -8.41 -46.92 -30.10
C PRO A 132 -8.99 -45.78 -29.26
N ASN A 133 -9.41 -46.10 -28.04
CA ASN A 133 -9.90 -45.08 -27.12
C ASN A 133 -8.76 -44.09 -26.86
N PRO A 134 -8.99 -42.83 -27.19
CA PRO A 134 -7.97 -41.79 -27.06
C PRO A 134 -7.21 -41.86 -25.73
N GLY A 135 -7.87 -42.34 -24.69
CA GLY A 135 -7.25 -42.48 -23.38
C GLY A 135 -7.60 -41.33 -22.44
N GLU A 136 -6.61 -40.84 -21.71
CA GLU A 136 -6.81 -39.78 -20.76
C GLU A 136 -5.58 -38.89 -20.67
N ILE A 137 -5.80 -37.59 -20.46
CA ILE A 137 -4.72 -36.64 -20.28
C ILE A 137 -4.75 -36.09 -18.86
N ARG A 138 -3.70 -36.37 -18.10
CA ARG A 138 -3.62 -35.90 -16.73
C ARG A 138 -3.71 -34.38 -16.72
N ASN A 139 -4.74 -33.87 -16.04
CA ASN A 139 -4.95 -32.44 -15.97
C ASN A 139 -5.21 -31.85 -17.35
N GLY A 140 -5.86 -32.64 -18.20
CA GLY A 140 -6.19 -32.21 -19.55
C GLY A 140 -7.58 -32.70 -19.96
N GLN A 141 -7.96 -32.41 -21.19
CA GLN A 141 -9.23 -32.85 -21.72
C GLN A 141 -9.14 -33.25 -23.19
N ILE A 142 -9.87 -34.28 -23.55
CA ILE A 142 -9.93 -34.73 -24.94
C ILE A 142 -11.31 -34.40 -25.50
N ASP A 143 -11.33 -33.59 -26.56
CA ASP A 143 -12.57 -33.21 -27.22
C ASP A 143 -12.86 -34.17 -28.36
N VAL A 144 -13.99 -34.87 -28.28
CA VAL A 144 -14.43 -35.80 -29.32
C VAL A 144 -15.66 -35.23 -30.01
N PRO A 145 -15.44 -34.46 -31.06
CA PRO A 145 -16.52 -33.81 -31.79
C PRO A 145 -17.33 -34.78 -32.64
N GLY A 146 -16.64 -35.76 -33.23
CA GLY A 146 -17.32 -36.72 -34.09
C GLY A 146 -16.80 -38.14 -33.95
N GLY A 147 -16.99 -38.72 -32.78
CA GLY A 147 -16.58 -40.10 -32.54
C GLY A 147 -15.07 -40.32 -32.69
N ILE A 148 -14.67 -41.59 -32.76
CA ILE A 148 -13.25 -41.95 -32.88
C ILE A 148 -12.96 -42.94 -34.01
N LEU A 149 -13.94 -43.14 -34.89
CA LEU A 149 -13.76 -44.04 -36.03
C LEU A 149 -12.80 -43.45 -37.05
N PHE A 150 -12.39 -44.28 -38.00
CA PHE A 150 -11.47 -43.87 -39.08
C PHE A 150 -11.90 -42.55 -39.71
N GLY A 151 -10.96 -41.60 -39.79
CA GLY A 151 -11.23 -40.28 -40.35
C GLY A 151 -11.63 -39.26 -39.30
N ALA A 152 -11.84 -39.71 -38.06
CA ALA A 152 -12.25 -38.81 -36.99
C ALA A 152 -11.10 -37.97 -36.47
N THR A 153 -11.44 -36.84 -35.86
CA THR A 153 -10.42 -35.96 -35.29
C THR A 153 -10.73 -35.68 -33.83
N ILE A 154 -9.69 -35.47 -33.04
CA ILE A 154 -9.85 -35.15 -31.63
C ILE A 154 -8.87 -34.05 -31.23
N SER A 155 -9.34 -33.11 -30.42
CA SER A 155 -8.50 -32.02 -29.97
C SER A 155 -8.17 -32.16 -28.49
N PHE A 156 -7.10 -31.51 -28.08
CA PHE A 156 -6.65 -31.57 -26.71
C PHE A 156 -6.58 -30.18 -26.09
N SER A 157 -6.69 -30.14 -24.77
CA SER A 157 -6.59 -28.89 -24.02
C SER A 157 -6.11 -29.22 -22.62
N CYS A 158 -5.62 -28.22 -21.91
CA CYS A 158 -5.16 -28.43 -20.55
C CYS A 158 -5.97 -27.55 -19.61
N ASN A 159 -6.30 -28.06 -18.43
CA ASN A 159 -7.06 -27.29 -17.45
C ASN A 159 -6.26 -26.05 -17.06
N THR A 160 -6.95 -25.09 -16.43
CA THR A 160 -6.30 -23.87 -16.00
C THR A 160 -5.18 -24.16 -15.00
N GLY A 161 -4.01 -23.59 -15.25
CA GLY A 161 -2.86 -23.81 -14.38
C GLY A 161 -1.87 -24.80 -15.00
N TYR A 162 -2.21 -25.32 -16.17
CA TYR A 162 -1.35 -26.28 -16.85
C TYR A 162 -1.10 -25.87 -18.29
N LYS A 163 0.11 -26.12 -18.76
CA LYS A 163 0.50 -25.77 -20.12
C LYS A 163 0.62 -27.03 -20.97
N LEU A 164 0.06 -26.98 -22.18
CA LEU A 164 0.06 -28.12 -23.08
C LEU A 164 1.40 -28.28 -23.79
N PHE A 165 1.91 -29.51 -23.78
CA PHE A 165 3.16 -29.83 -24.43
C PHE A 165 2.98 -30.98 -25.41
N GLY A 166 2.99 -30.65 -26.70
CA GLY A 166 2.79 -31.66 -27.74
C GLY A 166 1.77 -31.16 -28.75
N SER A 167 1.09 -32.10 -29.41
CA SER A 167 0.10 -31.75 -30.42
C SER A 167 -1.22 -31.31 -29.79
N THR A 168 -1.94 -30.44 -30.50
CA THR A 168 -3.21 -29.92 -30.04
C THR A 168 -4.37 -30.72 -30.65
N SER A 169 -4.02 -31.71 -31.46
CA SER A 169 -5.02 -32.53 -32.12
C SER A 169 -4.42 -33.83 -32.65
N SER A 170 -5.30 -34.75 -33.04
CA SER A 170 -4.90 -36.04 -33.55
C SER A 170 -5.97 -36.54 -34.51
N PHE A 171 -5.54 -37.17 -35.61
CA PHE A 171 -6.47 -37.71 -36.60
C PHE A 171 -6.38 -39.23 -36.61
N CYS A 172 -7.52 -39.89 -36.78
CA CYS A 172 -7.55 -41.34 -36.89
C CYS A 172 -7.27 -41.74 -38.33
N LEU A 173 -5.99 -41.83 -38.68
CA LEU A 173 -5.60 -42.19 -40.02
C LEU A 173 -5.41 -43.70 -40.14
N ILE A 174 -5.35 -44.20 -41.37
CA ILE A 174 -5.12 -45.62 -41.57
C ILE A 174 -3.62 -45.88 -41.47
N SER A 175 -3.25 -46.75 -40.53
CA SER A 175 -1.84 -47.07 -40.32
C SER A 175 -1.60 -48.56 -40.58
N GLY A 176 -0.95 -48.85 -41.69
CA GLY A 176 -0.67 -50.22 -42.07
C GLY A 176 -1.93 -51.06 -42.10
N SER A 177 -2.05 -51.98 -41.14
CA SER A 177 -3.17 -52.93 -41.09
C SER A 177 -4.38 -52.43 -40.32
N SER A 178 -4.34 -51.18 -39.86
CA SER A 178 -5.44 -50.65 -39.09
C SER A 178 -5.45 -49.13 -39.03
N VAL A 179 -6.45 -48.60 -38.36
CA VAL A 179 -6.59 -47.16 -38.17
C VAL A 179 -5.89 -46.78 -36.89
N GLN A 180 -5.05 -45.76 -36.96
CA GLN A 180 -4.28 -45.32 -35.79
C GLN A 180 -4.28 -43.80 -35.65
N TRP A 181 -4.27 -43.33 -34.40
CA TRP A 181 -4.23 -41.90 -34.14
C TRP A 181 -2.93 -41.33 -34.68
N SER A 182 -3.03 -40.20 -35.38
CA SER A 182 -1.87 -39.57 -36.01
C SER A 182 -0.82 -39.11 -35.00
N ASP A 183 -1.25 -38.35 -33.99
CA ASP A 183 -0.35 -37.84 -32.97
C ASP A 183 -0.66 -38.44 -31.61
N PRO A 184 0.38 -38.63 -30.81
CA PRO A 184 0.24 -39.18 -29.47
C PRO A 184 -0.40 -38.16 -28.53
N LEU A 185 -0.82 -38.62 -27.36
CA LEU A 185 -1.41 -37.74 -26.37
C LEU A 185 -0.36 -36.75 -25.89
N PRO A 186 -0.75 -35.48 -25.81
CA PRO A 186 0.16 -34.44 -25.34
C PRO A 186 0.32 -34.44 -23.81
N GLU A 187 1.07 -33.48 -23.31
CA GLU A 187 1.36 -33.39 -21.89
C GLU A 187 0.89 -32.07 -21.32
N CYS A 188 0.29 -32.13 -20.13
CA CYS A 188 -0.15 -30.91 -19.45
C CYS A 188 0.67 -30.73 -18.19
N ARG A 189 1.73 -29.93 -18.30
CA ARG A 189 2.65 -29.70 -17.21
C ARG A 189 2.31 -28.47 -16.37
N GLU A 190 2.42 -28.63 -15.06
CA GLU A 190 2.06 -27.58 -14.12
C GLU A 190 2.80 -26.30 -14.43
N ILE A 191 2.06 -25.20 -14.44
CA ILE A 191 2.66 -23.89 -14.61
C ILE A 191 3.09 -23.44 -13.23
N TYR A 192 4.35 -23.01 -13.11
CA TYR A 192 4.86 -22.57 -11.83
C TYR A 192 5.13 -21.07 -11.84
N CYS A 193 4.83 -20.43 -10.72
CA CYS A 193 5.11 -19.02 -10.59
C CYS A 193 6.60 -18.86 -10.30
N PRO A 194 7.12 -17.68 -10.58
CA PRO A 194 8.53 -17.41 -10.30
C PRO A 194 8.68 -17.42 -8.80
N ALA A 195 9.90 -17.62 -8.32
CA ALA A 195 10.16 -17.62 -6.89
C ALA A 195 9.56 -16.38 -6.27
N PRO A 196 8.82 -16.54 -5.19
CA PRO A 196 8.22 -15.40 -4.52
C PRO A 196 9.34 -14.47 -4.08
N PRO A 197 9.04 -13.19 -3.95
CA PRO A 197 10.05 -12.22 -3.56
C PRO A 197 10.29 -12.18 -2.06
N GLN A 198 11.55 -12.07 -1.67
CA GLN A 198 11.91 -11.91 -0.28
C GLN A 198 11.80 -10.42 -0.01
N ILE A 199 11.40 -10.06 1.20
CA ILE A 199 11.21 -8.66 1.54
C ILE A 199 12.06 -8.24 2.72
N ASP A 200 12.43 -6.98 2.73
CA ASP A 200 13.26 -6.44 3.80
C ASP A 200 12.52 -6.48 5.12
N ASN A 201 13.12 -7.14 6.10
CA ASN A 201 12.57 -7.18 7.46
C ASN A 201 11.32 -8.03 7.61
N GLY A 202 11.11 -8.94 6.66
CA GLY A 202 9.97 -9.82 6.72
C GLY A 202 10.34 -11.18 6.17
N ILE A 203 9.47 -12.15 6.42
CA ILE A 203 9.70 -13.50 5.95
C ILE A 203 8.44 -14.03 5.30
N ILE A 204 8.54 -15.20 4.71
CA ILE A 204 7.40 -15.91 4.16
C ILE A 204 7.07 -17.06 5.09
N GLN A 205 5.80 -17.14 5.48
CA GLN A 205 5.39 -18.20 6.41
C GLN A 205 5.19 -19.54 5.70
N GLY A 206 5.98 -20.53 6.10
CA GLY A 206 5.91 -21.85 5.51
C GLY A 206 6.23 -21.80 4.02
N GLU A 207 7.36 -21.19 3.67
CA GLU A 207 7.79 -21.07 2.29
C GLU A 207 7.86 -22.44 1.62
N ARG A 208 7.48 -22.50 0.35
CA ARG A 208 7.46 -23.77 -0.38
C ARG A 208 8.49 -23.83 -1.50
N ASP A 209 8.61 -25.01 -2.08
CA ASP A 209 9.54 -25.25 -3.19
C ASP A 209 8.97 -24.65 -4.45
N HIS A 210 7.76 -25.06 -4.78
CA HIS A 210 7.10 -24.61 -5.99
C HIS A 210 5.80 -23.92 -5.63
N TYR A 211 5.25 -23.18 -6.58
CA TYR A 211 3.98 -22.52 -6.40
C TYR A 211 3.21 -22.57 -7.70
N GLY A 212 2.05 -23.21 -7.65
CA GLY A 212 1.21 -23.36 -8.82
C GLY A 212 -0.02 -22.48 -8.72
N TYR A 213 -0.86 -22.54 -9.75
CA TYR A 213 -2.07 -21.77 -9.85
C TYR A 213 -2.89 -21.81 -8.56
N ARG A 214 -3.27 -20.62 -8.07
CA ARG A 214 -4.12 -20.49 -6.89
C ARG A 214 -3.42 -20.72 -5.55
N GLN A 215 -2.19 -21.21 -5.59
CA GLN A 215 -1.41 -21.35 -4.37
C GLN A 215 -1.04 -19.94 -3.91
N SER A 216 -0.70 -19.79 -2.63
CA SER A 216 -0.39 -18.48 -2.09
C SER A 216 0.83 -18.47 -1.18
N VAL A 217 1.36 -17.27 -0.94
CA VAL A 217 2.46 -17.07 0.00
C VAL A 217 2.10 -15.92 0.94
N THR A 218 2.17 -16.21 2.23
CA THR A 218 1.83 -15.23 3.26
C THR A 218 3.10 -14.72 3.92
N TYR A 219 3.26 -13.40 3.95
CA TYR A 219 4.44 -12.79 4.54
C TYR A 219 4.22 -12.45 6.00
N ALA A 220 5.32 -12.19 6.70
CA ALA A 220 5.26 -11.77 8.10
C ALA A 220 6.45 -10.86 8.38
N CYS A 221 6.18 -9.69 8.92
CA CYS A 221 7.24 -8.76 9.27
C CYS A 221 7.95 -9.22 10.54
N ASN A 222 9.26 -8.98 10.61
CA ASN A 222 10.03 -9.35 11.78
C ASN A 222 9.56 -8.54 12.99
N LYS A 223 10.10 -8.86 14.15
CA LYS A 223 9.75 -8.15 15.38
C LYS A 223 10.17 -6.68 15.29
N GLY A 224 9.24 -5.78 15.63
CA GLY A 224 9.55 -4.35 15.65
C GLY A 224 9.15 -3.66 14.35
N PHE A 225 8.79 -4.45 13.35
CA PHE A 225 8.39 -3.90 12.07
C PHE A 225 6.91 -4.03 11.85
N THR A 226 6.35 -3.16 11.02
CA THR A 226 4.93 -3.20 10.72
C THR A 226 4.67 -3.51 9.24
N MET A 227 3.67 -4.35 8.99
CA MET A 227 3.34 -4.75 7.64
C MET A 227 2.56 -3.67 6.89
N ILE A 228 3.01 -3.40 5.67
CA ILE A 228 2.35 -2.43 4.81
C ILE A 228 1.91 -3.15 3.53
N GLY A 229 0.62 -3.44 3.45
CA GLY A 229 0.08 -4.13 2.29
C GLY A 229 -0.59 -5.44 2.69
N GLU A 230 -1.04 -6.18 1.68
CA GLU A 230 -1.69 -7.45 1.92
C GLU A 230 -0.67 -8.45 2.44
N HIS A 231 -1.12 -9.35 3.30
CA HIS A 231 -0.24 -10.37 3.84
C HIS A 231 0.20 -11.35 2.77
N SER A 232 -0.71 -11.70 1.88
CA SER A 232 -0.43 -12.72 0.89
C SER A 232 -0.62 -12.28 -0.54
N ILE A 233 0.04 -13.01 -1.43
CA ILE A 233 -0.11 -12.86 -2.86
C ILE A 233 -0.48 -14.23 -3.37
N TYR A 234 -0.94 -14.30 -4.62
CA TYR A 234 -1.39 -15.57 -5.18
C TYR A 234 -0.92 -15.79 -6.60
N CYS A 235 -0.50 -17.01 -6.88
CA CYS A 235 -0.04 -17.38 -8.19
C CYS A 235 -1.17 -17.39 -9.21
N THR A 236 -1.16 -16.38 -10.08
CA THR A 236 -2.10 -16.30 -11.20
C THR A 236 -1.38 -16.83 -12.44
N VAL A 237 -2.09 -17.52 -13.27
CA VAL A 237 -1.57 -18.24 -14.48
C VAL A 237 -2.14 -17.89 -15.86
N ASN A 238 -2.35 -16.61 -16.06
CA ASN A 238 -2.58 -16.09 -17.39
C ASN A 238 -1.13 -15.83 -17.78
N ASN A 239 -0.66 -16.40 -18.89
CA ASN A 239 -1.48 -17.10 -19.87
C ASN A 239 -0.57 -18.21 -20.36
N ASP A 240 -0.51 -19.29 -19.60
CA ASP A 240 0.45 -20.35 -19.83
C ASP A 240 1.81 -19.96 -19.26
N GLU A 241 1.83 -18.81 -18.60
CA GLU A 241 3.00 -18.34 -17.84
C GLU A 241 2.47 -17.87 -16.49
N GLY A 242 3.19 -18.22 -15.44
CA GLY A 242 2.73 -17.98 -14.08
C GLY A 242 3.17 -16.59 -13.56
N GLU A 243 2.39 -15.95 -12.88
CA GLU A 243 2.63 -14.64 -12.33
C GLU A 243 1.92 -14.31 -11.02
N TRP A 244 2.68 -13.72 -10.12
CA TRP A 244 2.10 -13.35 -8.82
C TRP A 244 1.05 -12.26 -8.96
N SER A 245 0.00 -12.37 -8.16
CA SER A 245 -1.15 -11.47 -8.21
C SER A 245 -0.75 -10.01 -8.14
N GLY A 246 0.14 -9.68 -7.22
CA GLY A 246 0.59 -8.31 -7.05
C GLY A 246 1.95 -8.31 -6.38
N PRO A 247 2.31 -7.16 -5.82
CA PRO A 247 3.59 -6.98 -5.14
C PRO A 247 3.48 -7.40 -3.69
N PRO A 248 4.60 -7.88 -3.15
CA PRO A 248 4.65 -8.31 -1.76
C PRO A 248 4.44 -7.13 -0.85
N PRO A 249 4.00 -7.40 0.37
CA PRO A 249 3.83 -6.34 1.35
C PRO A 249 5.20 -5.74 1.64
N GLU A 250 5.23 -4.70 2.47
CA GLU A 250 6.48 -4.06 2.85
C GLU A 250 6.52 -3.90 4.36
N CYS A 251 7.72 -3.97 4.94
CA CYS A 251 7.88 -3.87 6.39
C CYS A 251 8.53 -2.57 6.85
N ARG A 252 7.74 -1.73 7.50
CA ARG A 252 8.25 -0.47 8.05
C ARG A 252 8.65 -0.68 9.51
N GLY A 253 9.85 -0.22 9.87
CA GLY A 253 10.36 -0.38 11.23
C GLY A 253 9.78 0.67 12.18
N GLN B 2 -2.55 -5.31 -88.74
CA GLN B 2 -1.44 -5.78 -87.91
C GLN B 2 -1.33 -5.02 -86.58
N ASP B 3 -2.47 -4.61 -86.04
CA ASP B 3 -2.52 -3.92 -84.76
C ASP B 3 -3.80 -4.31 -84.01
N CYS B 4 -3.65 -4.67 -82.74
CA CYS B 4 -4.81 -5.08 -81.95
C CYS B 4 -5.65 -3.89 -81.52
N GLY B 5 -6.95 -4.10 -81.42
CA GLY B 5 -7.86 -3.07 -80.95
C GLY B 5 -7.85 -3.05 -79.43
N LEU B 6 -8.98 -2.66 -78.84
CA LEU B 6 -9.09 -2.58 -77.39
C LEU B 6 -9.17 -3.97 -76.79
N PRO B 7 -8.40 -4.20 -75.73
CA PRO B 7 -8.39 -5.48 -75.05
C PRO B 7 -9.82 -5.92 -74.75
N PRO B 8 -9.99 -7.22 -74.50
CA PRO B 8 -11.31 -7.76 -74.22
C PRO B 8 -11.85 -7.20 -72.92
N ASP B 9 -13.12 -7.50 -72.63
CA ASP B 9 -13.75 -7.04 -71.40
C ASP B 9 -13.65 -8.07 -70.30
N VAL B 10 -12.97 -7.71 -69.22
CA VAL B 10 -12.82 -8.60 -68.07
C VAL B 10 -13.57 -8.07 -66.85
N PRO B 11 -14.50 -8.86 -66.35
CA PRO B 11 -15.34 -8.48 -65.22
C PRO B 11 -14.53 -8.09 -63.98
N ASN B 12 -14.82 -6.91 -63.44
CA ASN B 12 -14.17 -6.42 -62.23
C ASN B 12 -12.72 -6.00 -62.46
N ALA B 13 -12.34 -5.84 -63.72
CA ALA B 13 -10.99 -5.43 -64.06
C ALA B 13 -10.97 -4.41 -65.21
N GLN B 14 -10.03 -3.48 -65.13
CA GLN B 14 -9.89 -2.44 -66.15
C GLN B 14 -8.46 -2.40 -66.69
N PRO B 15 -8.31 -2.70 -67.98
CA PRO B 15 -7.01 -2.73 -68.63
C PRO B 15 -6.34 -1.35 -68.65
N ALA B 16 -5.06 -1.34 -68.31
CA ALA B 16 -4.28 -0.12 -68.31
C ALA B 16 -3.83 0.23 -69.73
N LEU B 17 -4.66 1.00 -70.43
CA LEU B 17 -4.34 1.41 -71.80
C LEU B 17 -3.31 2.54 -71.83
N GLU B 18 -3.59 3.59 -71.07
CA GLU B 18 -2.67 4.72 -70.92
C GLU B 18 -2.05 5.25 -72.22
N GLY B 19 -2.88 5.80 -73.10
CA GLY B 19 -4.33 5.73 -72.99
C GLY B 19 -4.77 5.38 -74.40
N ARG B 20 -4.00 4.48 -75.01
CA ARG B 20 -4.15 4.10 -76.41
C ARG B 20 -5.46 3.43 -76.81
N THR B 21 -5.70 3.40 -78.12
CA THR B 21 -6.89 2.76 -78.71
C THR B 21 -6.45 1.60 -79.62
N SER B 22 -5.19 1.64 -80.01
CA SER B 22 -4.61 0.60 -80.86
C SER B 22 -3.33 0.12 -80.18
N PHE B 23 -2.98 -1.13 -80.40
CA PHE B 23 -1.79 -1.69 -79.79
C PHE B 23 -1.06 -2.56 -80.79
N PRO B 24 0.24 -2.30 -80.94
CA PRO B 24 1.05 -3.08 -81.87
C PRO B 24 1.19 -4.50 -81.34
N GLU B 25 1.58 -5.43 -82.20
CA GLU B 25 1.81 -6.81 -81.80
C GLU B 25 2.83 -6.81 -80.68
N ASP B 26 2.83 -7.88 -79.88
CA ASP B 26 3.75 -8.03 -78.76
C ASP B 26 3.39 -7.13 -77.58
N THR B 27 2.34 -6.33 -77.76
CA THR B 27 1.90 -5.40 -76.73
C THR B 27 1.19 -6.11 -75.57
N VAL B 28 1.81 -6.05 -74.40
CA VAL B 28 1.26 -6.68 -73.21
C VAL B 28 0.48 -5.67 -72.38
N ILE B 29 -0.80 -5.96 -72.17
CA ILE B 29 -1.65 -5.09 -71.38
C ILE B 29 -1.98 -5.77 -70.07
N THR B 30 -1.82 -5.04 -68.97
CA THR B 30 -2.16 -5.59 -67.67
C THR B 30 -3.51 -5.06 -67.20
N TYR B 31 -4.35 -5.97 -66.72
CA TYR B 31 -5.65 -5.61 -66.20
C TYR B 31 -5.52 -5.32 -64.70
N LYS B 32 -6.28 -4.35 -64.22
CA LYS B 32 -6.25 -4.01 -62.80
C LYS B 32 -7.64 -4.17 -62.20
N CYS B 33 -7.72 -4.88 -61.09
CA CYS B 33 -9.01 -5.17 -60.46
C CYS B 33 -9.68 -3.90 -59.96
N GLU B 34 -11.00 -3.87 -60.01
CA GLU B 34 -11.77 -2.72 -59.56
C GLU B 34 -11.88 -2.70 -58.04
N GLU B 35 -12.19 -1.53 -57.49
CA GLU B 35 -12.34 -1.35 -56.04
C GLU B 35 -13.10 -2.51 -55.40
N SER B 36 -12.63 -2.92 -54.23
CA SER B 36 -13.25 -4.03 -53.51
C SER B 36 -12.88 -5.37 -54.13
N PHE B 37 -11.86 -5.34 -55.00
CA PHE B 37 -11.39 -6.53 -55.68
C PHE B 37 -9.88 -6.60 -55.66
N VAL B 38 -9.34 -7.80 -55.47
CA VAL B 38 -7.91 -8.01 -55.50
C VAL B 38 -7.58 -9.21 -56.36
N LYS B 39 -6.48 -9.12 -57.11
CA LYS B 39 -6.09 -10.19 -58.01
C LYS B 39 -5.82 -11.50 -57.27
N ILE B 40 -6.41 -12.58 -57.76
CA ILE B 40 -6.21 -13.90 -57.16
C ILE B 40 -4.81 -14.38 -57.51
N PRO B 41 -3.99 -14.57 -56.48
CA PRO B 41 -2.60 -14.92 -56.69
C PRO B 41 -2.40 -16.05 -57.68
N GLY B 42 -1.43 -15.87 -58.59
CA GLY B 42 -1.04 -16.89 -59.54
C GLY B 42 -1.92 -16.97 -60.78
N GLU B 43 -2.92 -16.11 -60.87
CA GLU B 43 -3.81 -16.12 -62.03
C GLU B 43 -3.40 -15.10 -63.08
N LYS B 44 -3.69 -15.41 -64.34
CA LYS B 44 -3.36 -14.53 -65.46
C LYS B 44 -4.12 -13.22 -65.31
N ASP B 45 -3.38 -12.12 -65.26
CA ASP B 45 -3.97 -10.80 -65.13
C ASP B 45 -3.61 -9.91 -66.33
N SER B 46 -3.10 -10.53 -67.39
CA SER B 46 -2.69 -9.77 -68.55
C SER B 46 -2.90 -10.48 -69.88
N VAL B 47 -2.89 -9.72 -70.96
CA VAL B 47 -3.03 -10.26 -72.30
C VAL B 47 -1.91 -9.73 -73.17
N ILE B 48 -1.84 -10.23 -74.39
CA ILE B 48 -0.81 -9.79 -75.31
C ILE B 48 -1.32 -9.84 -76.73
N CYS B 49 -0.96 -8.84 -77.52
CA CYS B 49 -1.37 -8.76 -78.90
C CYS B 49 -0.62 -9.81 -79.70
N LEU B 50 -1.35 -10.81 -80.18
CA LEU B 50 -0.77 -11.92 -80.94
C LEU B 50 -0.87 -11.64 -82.43
N LYS B 51 -0.34 -12.57 -83.23
CA LYS B 51 -0.42 -12.44 -84.68
C LYS B 51 -1.88 -12.60 -85.10
N GLY B 52 -2.31 -11.74 -86.01
CA GLY B 52 -3.69 -11.78 -86.48
C GLY B 52 -4.55 -10.80 -85.69
N SER B 53 -3.91 -9.79 -85.12
CA SER B 53 -4.61 -8.79 -84.32
C SER B 53 -5.53 -9.50 -83.34
N GLN B 54 -4.97 -10.49 -82.65
CA GLN B 54 -5.71 -11.28 -81.70
C GLN B 54 -5.07 -11.16 -80.33
N TRP B 55 -5.86 -10.77 -79.34
CA TRP B 55 -5.37 -10.69 -77.97
C TRP B 55 -5.34 -12.09 -77.38
N SER B 56 -4.32 -12.36 -76.56
CA SER B 56 -4.26 -13.64 -75.85
C SER B 56 -5.56 -13.84 -75.08
N ASP B 57 -5.74 -15.03 -74.52
CA ASP B 57 -6.93 -15.30 -73.73
C ASP B 57 -6.73 -14.89 -72.27
N ILE B 58 -7.83 -14.49 -71.64
CA ILE B 58 -7.81 -14.09 -70.24
C ILE B 58 -9.20 -14.24 -69.66
N GLU B 59 -9.26 -14.59 -68.38
CA GLU B 59 -10.55 -14.74 -67.70
C GLU B 59 -10.49 -14.13 -66.32
N GLU B 60 -11.65 -14.10 -65.65
CA GLU B 60 -11.75 -13.49 -64.33
C GLU B 60 -10.64 -13.95 -63.38
N PHE B 61 -9.92 -12.96 -62.83
CA PHE B 61 -8.81 -13.23 -61.93
C PHE B 61 -8.96 -12.44 -60.65
N CYS B 62 -10.08 -11.73 -60.53
CA CYS B 62 -10.32 -10.89 -59.36
C CYS B 62 -11.36 -11.45 -58.40
N ASN B 63 -10.94 -11.17 -57.16
CA ASN B 63 -11.90 -11.47 -56.11
C ASN B 63 -12.09 -10.30 -55.16
N ARG B 64 -13.28 -10.20 -54.57
CA ARG B 64 -13.55 -9.14 -53.59
C ARG B 64 -12.63 -9.34 -52.40
N SER B 65 -12.11 -8.25 -51.86
CA SER B 65 -11.19 -8.32 -50.74
C SER B 65 -11.21 -7.07 -49.86
N CYS B 66 -10.81 -7.23 -48.60
CA CYS B 66 -10.74 -6.13 -47.66
C CYS B 66 -9.56 -5.24 -48.01
N GLU B 67 -9.61 -3.99 -47.58
CA GLU B 67 -8.50 -3.09 -47.76
C GLU B 67 -7.36 -3.63 -46.88
N VAL B 68 -6.16 -3.11 -47.07
CA VAL B 68 -5.05 -3.55 -46.24
C VAL B 68 -5.45 -3.32 -44.79
N PRO B 69 -5.16 -4.29 -43.94
CA PRO B 69 -5.58 -4.22 -42.53
C PRO B 69 -5.37 -2.84 -41.95
N THR B 70 -6.15 -2.54 -40.93
CA THR B 70 -6.13 -1.24 -40.28
C THR B 70 -4.86 -1.01 -39.44
N ARG B 71 -4.19 0.12 -39.65
CA ARG B 71 -3.01 0.45 -38.88
C ARG B 71 -3.40 0.83 -37.45
N LEU B 72 -2.80 0.15 -36.48
CA LEU B 72 -3.06 0.42 -35.08
C LEU B 72 -1.80 0.87 -34.37
N ASN B 73 -1.97 1.64 -33.30
CA ASN B 73 -0.85 2.14 -32.52
C ASN B 73 -0.29 1.04 -31.62
N SER B 74 -1.19 0.21 -31.08
CA SER B 74 -0.85 -0.82 -30.11
C SER B 74 -0.22 -2.07 -30.69
N ALA B 75 -0.61 -2.42 -31.92
CA ALA B 75 -0.15 -3.65 -32.52
C ALA B 75 0.26 -3.51 -33.98
N SER B 76 1.19 -4.35 -34.38
CA SER B 76 1.66 -4.38 -35.75
C SER B 76 1.33 -5.75 -36.36
N LEU B 77 1.18 -5.78 -37.68
CA LEU B 77 0.83 -7.01 -38.36
C LEU B 77 1.97 -8.02 -38.29
N LYS B 78 1.63 -9.30 -38.27
CA LYS B 78 2.61 -10.38 -38.27
C LYS B 78 2.70 -10.93 -39.69
N GLN B 79 3.82 -11.57 -40.03
CA GLN B 79 3.97 -12.17 -41.35
C GLN B 79 3.03 -13.37 -41.50
N PRO B 80 2.56 -13.60 -42.71
CA PRO B 80 2.97 -12.83 -43.89
C PRO B 80 2.06 -11.64 -44.15
N TYR B 81 0.98 -11.55 -43.39
CA TYR B 81 0.00 -10.48 -43.56
C TYR B 81 0.66 -9.12 -43.78
N ILE B 82 1.84 -8.96 -43.20
CA ILE B 82 2.59 -7.72 -43.29
C ILE B 82 2.87 -7.24 -44.72
N THR B 83 2.80 -8.16 -45.69
CA THR B 83 3.06 -7.81 -47.08
C THR B 83 1.96 -8.28 -48.04
N GLN B 84 0.89 -8.82 -47.47
CA GLN B 84 -0.24 -9.31 -48.26
C GLN B 84 -1.16 -8.18 -48.69
N ASN B 85 -1.88 -8.40 -49.78
CA ASN B 85 -2.84 -7.43 -50.29
C ASN B 85 -4.14 -8.13 -50.67
N TYR B 86 -4.08 -9.46 -50.75
CA TYR B 86 -5.23 -10.26 -51.12
C TYR B 86 -5.94 -10.80 -49.89
N PHE B 87 -7.02 -10.13 -49.49
CA PHE B 87 -7.78 -10.51 -48.31
C PHE B 87 -9.24 -10.83 -48.64
N PRO B 88 -9.46 -11.99 -49.25
CA PRO B 88 -10.80 -12.42 -49.60
C PRO B 88 -11.64 -12.57 -48.32
N VAL B 89 -12.95 -12.42 -48.46
CA VAL B 89 -13.84 -12.53 -47.32
C VAL B 89 -13.55 -13.83 -46.58
N GLY B 90 -13.31 -13.73 -45.28
CA GLY B 90 -12.99 -14.89 -44.47
C GLY B 90 -11.52 -14.88 -44.03
N THR B 91 -10.73 -14.03 -44.67
CA THR B 91 -9.32 -13.89 -44.32
C THR B 91 -9.17 -13.39 -42.89
N VAL B 92 -8.31 -14.06 -42.13
CA VAL B 92 -8.07 -13.68 -40.75
C VAL B 92 -6.59 -13.37 -40.55
N VAL B 93 -6.31 -12.15 -40.09
CA VAL B 93 -4.94 -11.71 -39.87
C VAL B 93 -4.61 -11.63 -38.38
N GLU B 94 -3.33 -11.71 -38.06
CA GLU B 94 -2.89 -11.66 -36.67
C GLU B 94 -1.90 -10.53 -36.43
N TYR B 95 -2.06 -9.85 -35.30
CA TYR B 95 -1.19 -8.76 -34.92
C TYR B 95 -0.26 -9.17 -33.80
N GLU B 96 0.82 -8.41 -33.64
CA GLU B 96 1.78 -8.61 -32.57
C GLU B 96 1.97 -7.26 -31.88
N CYS B 97 1.88 -7.24 -30.56
CA CYS B 97 2.02 -5.99 -29.81
C CYS B 97 3.24 -5.20 -30.26
N ARG B 98 3.08 -3.89 -30.38
CA ARG B 98 4.18 -3.01 -30.73
C ARG B 98 5.00 -2.77 -29.46
N PRO B 99 5.90 -1.80 -29.53
CA PRO B 99 6.69 -1.39 -28.36
C PRO B 99 6.28 0.03 -28.00
N GLY B 100 5.88 0.25 -26.75
CA GLY B 100 5.87 -0.81 -25.75
C GLY B 100 4.44 -1.10 -25.31
N TYR B 101 3.87 -2.17 -25.87
CA TYR B 101 2.52 -2.59 -25.52
C TYR B 101 2.59 -4.04 -25.09
N ARG B 102 1.55 -4.51 -24.43
CA ARG B 102 1.52 -5.88 -23.94
C ARG B 102 0.19 -6.55 -24.25
N ARG B 103 0.24 -7.83 -24.57
CA ARG B 103 -0.95 -8.59 -24.96
C ARG B 103 -1.98 -8.70 -23.83
N GLU B 104 -3.26 -8.58 -24.21
CA GLU B 104 -4.37 -8.77 -23.29
C GLU B 104 -4.91 -10.19 -23.48
N PRO B 105 -4.57 -11.07 -22.55
CA PRO B 105 -4.92 -12.48 -22.60
C PRO B 105 -6.39 -12.78 -22.91
N SER B 106 -7.27 -11.85 -22.55
CA SER B 106 -8.70 -12.06 -22.72
C SER B 106 -9.21 -11.78 -24.14
N LEU B 107 -8.32 -11.33 -25.03
CA LEU B 107 -8.75 -10.94 -26.37
C LEU B 107 -7.89 -11.45 -27.52
N SER B 108 -8.52 -11.59 -28.68
CA SER B 108 -7.85 -12.08 -29.89
C SER B 108 -7.11 -10.97 -30.59
N PRO B 109 -5.84 -11.24 -30.92
CA PRO B 109 -5.04 -10.29 -31.67
C PRO B 109 -5.27 -10.51 -33.16
N LYS B 110 -6.45 -11.03 -33.49
CA LYS B 110 -6.78 -11.37 -34.86
C LYS B 110 -7.95 -10.58 -35.39
N LEU B 111 -7.97 -10.38 -36.70
CA LEU B 111 -9.05 -9.66 -37.35
C LEU B 111 -9.61 -10.47 -38.52
N THR B 112 -10.90 -10.34 -38.75
CA THR B 112 -11.53 -11.10 -39.80
C THR B 112 -12.11 -10.19 -40.86
N CYS B 113 -11.98 -10.60 -42.12
CA CYS B 113 -12.50 -9.82 -43.23
C CYS B 113 -13.96 -10.16 -43.45
N LEU B 114 -14.84 -9.27 -43.03
CA LEU B 114 -16.28 -9.52 -43.12
C LEU B 114 -16.76 -9.49 -44.56
N GLN B 115 -18.02 -9.88 -44.75
CA GLN B 115 -18.62 -9.93 -46.08
C GLN B 115 -18.68 -8.55 -46.70
N ASN B 116 -18.79 -7.53 -45.85
CA ASN B 116 -18.89 -6.15 -46.30
C ASN B 116 -17.51 -5.54 -46.61
N LEU B 117 -16.51 -6.40 -46.74
CA LEU B 117 -15.15 -5.96 -47.04
C LEU B 117 -14.62 -5.04 -45.96
N LYS B 118 -15.15 -5.19 -44.76
CA LYS B 118 -14.71 -4.42 -43.61
C LYS B 118 -14.04 -5.38 -42.64
N TRP B 119 -12.93 -4.94 -42.05
CA TRP B 119 -12.23 -5.74 -41.04
C TRP B 119 -13.03 -5.69 -39.75
N SER B 120 -13.11 -6.81 -39.05
CA SER B 120 -13.86 -6.86 -37.80
C SER B 120 -13.35 -5.84 -36.79
N THR B 121 -14.26 -5.34 -35.95
CA THR B 121 -13.92 -4.35 -34.94
C THR B 121 -12.79 -4.85 -34.06
N ALA B 122 -11.75 -4.03 -33.91
CA ALA B 122 -10.61 -4.42 -33.09
C ALA B 122 -10.82 -4.08 -31.61
N VAL B 123 -10.36 -4.98 -30.75
CA VAL B 123 -10.45 -4.77 -29.32
C VAL B 123 -9.09 -4.29 -28.80
N GLU B 124 -8.94 -4.28 -27.48
CA GLU B 124 -7.70 -3.83 -26.84
C GLU B 124 -6.82 -5.02 -26.54
N PHE B 125 -6.60 -5.86 -27.54
CA PHE B 125 -5.79 -7.05 -27.34
C PHE B 125 -4.35 -6.70 -26.97
N CYS B 126 -3.94 -5.48 -27.29
CA CYS B 126 -2.61 -5.00 -26.94
C CYS B 126 -2.74 -3.68 -26.19
N LYS B 127 -2.40 -3.68 -24.90
CA LYS B 127 -2.50 -2.48 -24.09
C LYS B 127 -1.15 -1.86 -23.77
N LYS B 128 -1.16 -0.63 -23.28
CA LYS B 128 0.06 0.09 -22.94
C LYS B 128 0.75 -0.55 -21.73
N LYS B 129 2.05 -0.76 -21.83
CA LYS B 129 2.82 -1.30 -20.73
C LYS B 129 2.89 -0.24 -19.65
N SER B 130 2.65 -0.63 -18.41
CA SER B 130 2.70 0.31 -17.30
C SER B 130 4.13 0.54 -16.83
N CYS B 131 4.48 1.81 -16.61
CA CYS B 131 5.79 2.16 -16.12
C CYS B 131 5.86 1.79 -14.66
N PRO B 132 7.06 1.78 -14.11
CA PRO B 132 7.26 1.44 -12.71
C PRO B 132 6.64 2.49 -11.80
N ASN B 133 6.27 2.07 -10.59
CA ASN B 133 5.74 3.00 -9.60
C ASN B 133 6.78 4.10 -9.37
N PRO B 134 6.42 5.34 -9.70
CA PRO B 134 7.33 6.48 -9.59
C PRO B 134 8.15 6.46 -8.31
N GLY B 135 7.57 5.91 -7.25
CA GLY B 135 8.28 5.81 -5.98
C GLY B 135 7.90 6.93 -5.02
N GLU B 136 8.88 7.40 -4.27
CA GLU B 136 8.66 8.41 -3.26
C GLU B 136 9.80 9.41 -3.22
N ILE B 137 9.46 10.68 -3.01
CA ILE B 137 10.50 11.70 -2.85
C ILE B 137 10.47 12.22 -1.42
N ARG B 138 11.56 11.99 -0.68
CA ARG B 138 11.65 12.45 0.70
C ARG B 138 11.45 13.96 0.73
N ASN B 139 10.41 14.39 1.45
CA ASN B 139 10.11 15.81 1.55
C ASN B 139 9.79 16.40 0.19
N GLY B 140 9.16 15.59 -0.66
CA GLY B 140 8.77 16.02 -1.99
C GLY B 140 7.41 15.45 -2.38
N GLN B 141 6.97 15.73 -3.59
CA GLN B 141 5.72 15.22 -4.10
C GLN B 141 5.80 14.85 -5.58
N ILE B 142 5.12 13.78 -5.95
CA ILE B 142 5.05 13.36 -7.34
C ILE B 142 3.65 13.60 -7.85
N ASP B 143 3.54 14.43 -8.90
CA ASP B 143 2.27 14.74 -9.52
C ASP B 143 2.00 13.78 -10.68
N VAL B 144 0.92 13.02 -10.57
CA VAL B 144 0.52 12.07 -11.61
C VAL B 144 -0.76 12.57 -12.27
N PRO B 145 -0.61 13.37 -13.32
CA PRO B 145 -1.76 13.97 -14.00
C PRO B 145 -2.52 12.96 -14.85
N GLY B 146 -1.80 12.04 -15.46
CA GLY B 146 -2.44 11.05 -16.33
C GLY B 146 -1.82 9.66 -16.23
N GLY B 147 -1.95 9.05 -15.06
CA GLY B 147 -1.44 7.70 -14.86
C GLY B 147 0.07 7.57 -15.05
N ILE B 148 0.55 6.34 -15.16
CA ILE B 148 1.98 6.07 -15.31
C ILE B 148 2.30 5.12 -16.47
N LEU B 149 1.32 4.87 -17.33
CA LEU B 149 1.53 3.99 -18.49
C LEU B 149 2.42 4.66 -19.51
N PHE B 150 2.86 3.87 -20.50
CA PHE B 150 3.72 4.36 -21.58
C PHE B 150 3.19 5.66 -22.18
N GLY B 151 4.06 6.66 -22.26
CA GLY B 151 3.70 7.97 -22.81
C GLY B 151 3.26 8.96 -21.72
N ALA B 152 3.11 8.47 -20.49
CA ALA B 152 2.67 9.32 -19.39
C ALA B 152 3.78 10.23 -18.89
N THR B 153 3.40 11.33 -18.25
CA THR B 153 4.37 12.26 -17.69
C THR B 153 4.08 12.50 -16.22
N ILE B 154 5.13 12.76 -15.45
CA ILE B 154 4.99 13.04 -14.03
C ILE B 154 5.90 14.20 -13.64
N SER B 155 5.40 15.08 -12.80
CA SER B 155 6.19 16.22 -12.35
C SER B 155 6.56 16.08 -10.88
N PHE B 156 7.60 16.79 -10.49
CA PHE B 156 8.09 16.74 -9.14
C PHE B 156 8.08 18.12 -8.50
N SER B 157 8.01 18.14 -7.17
CA SER B 157 8.04 19.36 -6.41
C SER B 157 8.59 19.05 -5.02
N CYS B 158 9.03 20.07 -4.31
CA CYS B 158 9.54 19.87 -2.95
C CYS B 158 8.71 20.68 -1.99
N ASN B 159 8.44 20.13 -0.80
CA ASN B 159 7.66 20.84 0.20
C ASN B 159 8.37 22.12 0.60
N THR B 160 7.66 23.03 1.26
CA THR B 160 8.24 24.28 1.70
C THR B 160 9.39 24.04 2.66
N GLY B 161 10.53 24.69 2.39
CA GLY B 161 11.71 24.53 3.22
C GLY B 161 12.75 23.61 2.57
N TYR B 162 12.40 23.08 1.40
CA TYR B 162 13.31 22.19 0.68
C TYR B 162 13.49 22.65 -0.75
N LYS B 163 14.70 22.47 -1.27
CA LYS B 163 15.04 22.87 -2.63
C LYS B 163 15.20 21.63 -3.50
N LEU B 164 14.60 21.67 -4.69
CA LEU B 164 14.67 20.54 -5.61
C LEU B 164 15.99 20.48 -6.36
N PHE B 165 16.57 19.28 -6.38
CA PHE B 165 17.83 19.06 -7.07
C PHE B 165 17.68 17.90 -8.07
N GLY B 166 17.65 18.25 -9.34
CA GLY B 166 17.48 17.26 -10.40
C GLY B 166 16.40 17.70 -11.38
N SER B 167 15.77 16.74 -12.03
CA SER B 167 14.73 17.04 -13.01
C SER B 167 13.40 17.39 -12.35
N THR B 168 12.62 18.22 -13.03
CA THR B 168 11.33 18.64 -12.52
C THR B 168 10.21 17.79 -13.10
N SER B 169 10.59 16.84 -13.95
CA SER B 169 9.62 15.97 -14.61
C SER B 169 10.29 14.72 -15.16
N SER B 170 9.46 13.75 -15.55
CA SER B 170 9.92 12.49 -16.09
C SER B 170 8.87 11.94 -17.03
N PHE B 171 9.30 11.36 -18.15
CA PHE B 171 8.39 10.78 -19.12
C PHE B 171 8.58 9.27 -19.16
N CYS B 172 7.48 8.55 -19.32
CA CYS B 172 7.53 7.10 -19.45
C CYS B 172 7.78 6.72 -20.91
N LEU B 173 9.05 6.72 -21.29
CA LEU B 173 9.44 6.42 -22.66
C LEU B 173 9.72 4.93 -22.80
N ILE B 174 9.78 4.45 -24.04
CA ILE B 174 10.09 3.05 -24.27
C ILE B 174 11.61 2.87 -24.21
N SER B 175 12.06 2.02 -23.29
CA SER B 175 13.49 1.78 -23.12
C SER B 175 13.81 0.32 -23.42
N GLY B 176 14.46 0.08 -24.55
CA GLY B 176 14.81 -1.26 -24.96
C GLY B 176 13.60 -2.18 -24.97
N SER B 177 13.56 -3.13 -24.02
CA SER B 177 12.51 -4.13 -23.96
C SER B 177 11.28 -3.72 -23.15
N SER B 178 11.26 -2.48 -22.67
CA SER B 178 10.14 -2.03 -21.87
C SER B 178 10.04 -0.52 -21.79
N VAL B 179 9.03 -0.06 -21.08
CA VAL B 179 8.80 1.35 -20.86
C VAL B 179 9.52 1.76 -19.59
N GLN B 180 10.30 2.84 -19.65
CA GLN B 180 11.06 3.30 -18.51
C GLN B 180 10.97 4.82 -18.34
N TRP B 181 10.99 5.27 -17.09
CA TRP B 181 10.95 6.70 -16.79
C TRP B 181 12.19 7.36 -17.36
N SER B 182 12.01 8.49 -18.04
CA SER B 182 13.11 9.20 -18.69
C SER B 182 14.15 9.71 -17.69
N ASP B 183 13.70 10.42 -16.66
CA ASP B 183 14.60 10.97 -15.65
C ASP B 183 14.36 10.34 -14.29
N PRO B 184 15.43 10.19 -13.52
CA PRO B 184 15.35 9.62 -12.19
C PRO B 184 14.68 10.58 -11.23
N LEU B 185 14.33 10.08 -10.05
CA LEU B 185 13.70 10.90 -9.03
C LEU B 185 14.69 11.95 -8.56
N PRO B 186 14.24 13.19 -8.44
CA PRO B 186 15.10 14.28 -7.98
C PRO B 186 15.29 14.26 -6.46
N GLU B 187 16.00 15.26 -5.96
CA GLU B 187 16.32 15.34 -4.54
C GLU B 187 15.78 16.62 -3.94
N CYS B 188 15.22 16.52 -2.74
CA CYS B 188 14.73 17.69 -2.03
C CYS B 188 15.57 17.90 -0.78
N ARG B 189 16.55 18.78 -0.87
CA ARG B 189 17.41 19.02 0.28
C ARG B 189 16.94 20.17 1.15
N GLU B 190 16.88 19.91 2.46
CA GLU B 190 16.53 20.95 3.41
C GLU B 190 17.24 22.25 3.11
N ILE B 191 16.48 23.34 3.11
CA ILE B 191 17.05 24.65 2.95
C ILE B 191 17.50 25.10 4.32
N TYR B 192 18.75 25.54 4.43
CA TYR B 192 19.28 25.98 5.71
C TYR B 192 19.51 27.47 5.72
N CYS B 193 19.21 28.11 6.84
CA CYS B 193 19.47 29.53 6.99
C CYS B 193 20.96 29.71 7.26
N PRO B 194 21.47 30.89 6.98
CA PRO B 194 22.87 31.18 7.25
C PRO B 194 23.03 31.16 8.76
N ALA B 195 24.27 30.99 9.22
CA ALA B 195 24.54 30.96 10.64
C ALA B 195 23.93 32.21 11.28
N PRO B 196 23.20 32.01 12.37
CA PRO B 196 22.59 33.13 13.05
C PRO B 196 23.71 34.08 13.49
N PRO B 197 23.38 35.36 13.64
CA PRO B 197 24.38 36.34 14.02
C PRO B 197 24.63 36.36 15.53
N GLN B 198 25.90 36.50 15.89
CA GLN B 198 26.27 36.65 17.29
C GLN B 198 26.14 38.14 17.56
N ILE B 199 25.75 38.48 18.79
CA ILE B 199 25.54 39.88 19.14
C ILE B 199 26.40 40.28 20.32
N ASP B 200 26.75 41.57 20.34
CA ASP B 200 27.58 42.10 21.40
C ASP B 200 26.85 42.04 22.72
N ASN B 201 27.48 41.38 23.69
CA ASN B 201 26.94 41.33 25.06
C ASN B 201 25.71 40.45 25.21
N GLY B 202 25.50 39.56 24.26
CA GLY B 202 24.38 38.65 24.32
C GLY B 202 24.75 37.30 23.76
N ILE B 203 23.92 36.31 24.01
CA ILE B 203 24.15 34.96 23.53
C ILE B 203 22.89 34.43 22.88
N ILE B 204 23.01 33.26 22.29
CA ILE B 204 21.87 32.55 21.74
C ILE B 204 21.56 31.37 22.66
N GLN B 205 20.31 31.27 23.07
CA GLN B 205 19.91 30.20 23.98
C GLN B 205 19.74 28.86 23.27
N GLY B 206 20.56 27.89 23.65
CA GLY B 206 20.49 26.56 23.05
C GLY B 206 20.80 26.63 21.56
N GLU B 207 21.91 27.27 21.21
CA GLU B 207 22.34 27.40 19.81
C GLU B 207 22.41 26.04 19.13
N ARG B 208 22.02 25.98 17.87
CA ARG B 208 22.01 24.73 17.13
C ARG B 208 23.03 24.69 16.00
N ASP B 209 23.17 23.51 15.41
CA ASP B 209 24.08 23.30 14.28
C ASP B 209 23.50 23.90 13.03
N HIS B 210 22.28 23.47 12.71
CA HIS B 210 21.60 23.93 11.52
C HIS B 210 20.30 24.60 11.90
N TYR B 211 19.73 25.33 10.96
CA TYR B 211 18.44 25.97 11.16
C TYR B 211 17.66 25.92 9.87
N GLY B 212 16.51 25.25 9.92
CA GLY B 212 15.66 25.11 8.76
C GLY B 212 14.42 25.96 8.89
N TYR B 213 13.58 25.89 7.86
CA TYR B 213 12.34 26.65 7.79
C TYR B 213 11.54 26.58 9.08
N ARG B 214 11.15 27.76 9.58
CA ARG B 214 10.31 27.87 10.77
C ARG B 214 11.01 27.65 12.10
N GLN B 215 12.26 27.17 12.04
CA GLN B 215 13.06 27.03 13.26
C GLN B 215 13.42 28.44 13.73
N SER B 216 13.76 28.58 15.01
CA SER B 216 14.06 29.91 15.55
C SER B 216 15.30 29.93 16.44
N VAL B 217 15.79 31.13 16.70
CA VAL B 217 16.90 31.34 17.61
C VAL B 217 16.54 32.47 18.58
N THR B 218 16.63 32.18 19.87
CA THR B 218 16.29 33.14 20.90
C THR B 218 17.55 33.66 21.56
N TYR B 219 17.70 34.98 21.58
CA TYR B 219 18.87 35.60 22.18
C TYR B 219 18.66 35.93 23.65
N ALA B 220 19.76 36.21 24.34
CA ALA B 220 19.72 36.60 25.73
C ALA B 220 20.89 37.53 26.01
N CYS B 221 20.61 38.70 26.57
CA CYS B 221 21.66 39.64 26.91
C CYS B 221 22.39 39.18 28.17
N ASN B 222 23.69 39.44 28.23
CA ASN B 222 24.48 39.08 29.39
C ASN B 222 24.01 39.86 30.61
N LYS B 223 24.58 39.55 31.77
CA LYS B 223 24.22 40.24 32.99
C LYS B 223 24.62 41.72 32.92
N GLY B 224 23.69 42.59 33.28
CA GLY B 224 23.96 44.03 33.30
C GLY B 224 23.54 44.73 32.02
N PHE B 225 23.19 43.94 31.02
CA PHE B 225 22.76 44.49 29.74
C PHE B 225 21.27 44.34 29.54
N THR B 226 20.70 45.21 28.73
CA THR B 226 19.27 45.15 28.43
C THR B 226 19.00 44.86 26.96
N MET B 227 18.01 43.99 26.71
CA MET B 227 17.66 43.60 25.36
C MET B 227 16.87 44.67 24.63
N ILE B 228 17.30 44.97 23.41
CA ILE B 228 16.62 45.93 22.56
C ILE B 228 16.17 45.22 21.29
N GLY B 229 14.88 44.90 21.22
CA GLY B 229 14.34 44.21 20.05
C GLY B 229 13.71 42.89 20.45
N GLU B 230 13.25 42.15 19.44
CA GLU B 230 12.62 40.86 19.68
C GLU B 230 13.67 39.89 20.17
N HIS B 231 13.24 39.00 21.07
CA HIS B 231 14.13 38.00 21.63
C HIS B 231 14.60 37.04 20.55
N SER B 232 13.73 36.72 19.61
CA SER B 232 14.04 35.73 18.60
C SER B 232 13.74 36.16 17.18
N ILE B 233 14.41 35.49 16.25
CA ILE B 233 14.15 35.65 14.83
C ILE B 233 13.86 34.25 14.27
N TYR B 234 13.34 34.18 13.06
CA TYR B 234 12.94 32.91 12.50
C TYR B 234 13.47 32.68 11.10
N CYS B 235 13.81 31.43 10.82
CA CYS B 235 14.30 31.06 9.51
C CYS B 235 13.17 31.05 8.51
N THR B 236 13.23 32.00 7.58
CA THR B 236 12.24 32.08 6.50
C THR B 236 12.94 31.64 5.21
N VAL B 237 12.22 30.92 4.41
CA VAL B 237 12.73 30.24 3.18
C VAL B 237 12.14 30.58 1.81
N ASN B 238 11.90 31.87 1.62
CA ASN B 238 11.66 32.39 0.30
C ASN B 238 13.09 32.68 -0.11
N ASN B 239 13.56 32.14 -1.22
CA ASN B 239 12.74 31.43 -2.20
C ASN B 239 13.67 30.34 -2.72
N ASP B 240 13.76 29.25 -1.96
CA ASP B 240 14.74 28.21 -2.22
C ASP B 240 16.09 28.62 -1.65
N GLU B 241 16.10 29.76 -0.99
CA GLU B 241 17.26 30.25 -0.25
C GLU B 241 16.75 30.70 1.13
N GLY B 242 17.46 30.32 2.18
CA GLY B 242 17.02 30.61 3.54
C GLY B 242 17.52 31.99 4.05
N GLU B 243 16.70 32.69 4.73
CA GLU B 243 17.02 33.99 5.27
C GLU B 243 16.24 34.33 6.52
N TRP B 244 16.97 34.75 7.55
CA TRP B 244 16.40 35.09 8.85
C TRP B 244 15.31 36.15 8.73
N SER B 245 14.28 36.03 9.56
CA SER B 245 13.14 36.92 9.52
C SER B 245 13.52 38.38 9.61
N GLY B 246 14.35 38.72 10.59
CA GLY B 246 14.77 40.09 10.78
C GLY B 246 16.14 40.16 11.43
N PRO B 247 16.48 41.33 11.93
CA PRO B 247 17.78 41.53 12.57
C PRO B 247 17.72 41.11 14.03
N PRO B 248 18.83 40.58 14.53
CA PRO B 248 18.91 40.15 15.92
C PRO B 248 18.72 41.35 16.84
N PRO B 249 18.19 41.11 18.03
CA PRO B 249 18.03 42.18 19.01
C PRO B 249 19.42 42.70 19.39
N GLU B 250 19.45 43.81 20.10
CA GLU B 250 20.71 44.42 20.52
C GLU B 250 20.75 44.57 22.03
N CYS B 251 21.95 44.48 22.60
CA CYS B 251 22.13 44.57 24.05
C CYS B 251 22.76 45.88 24.49
N ARG B 252 21.98 46.68 25.21
CA ARG B 252 22.48 47.94 25.75
C ARG B 252 22.86 47.75 27.20
N GLY B 253 24.04 48.26 27.57
CA GLY B 253 24.54 48.08 28.92
C GLY B 253 24.07 49.19 29.85
N CYS B 254 24.95 49.60 30.75
CA CYS B 254 24.64 50.66 31.71
C CYS B 254 25.65 51.80 31.60
N MET C 1 -10.64 34.20 76.70
CA MET C 1 -9.63 33.83 75.72
C MET C 1 -8.47 33.10 76.40
N GLN C 2 -8.57 31.78 76.56
CA GLN C 2 -9.72 30.97 76.18
C GLN C 2 -10.01 30.78 74.68
N ASP C 3 -9.16 31.32 73.82
CA ASP C 3 -9.34 31.12 72.39
C ASP C 3 -8.01 31.43 71.72
N CYS C 4 -7.62 30.61 70.75
CA CYS C 4 -6.36 30.82 70.04
C CYS C 4 -6.60 31.56 68.75
N GLY C 5 -5.51 31.98 68.12
CA GLY C 5 -5.56 32.64 66.83
C GLY C 5 -5.05 31.63 65.80
N LEU C 6 -4.63 32.11 64.64
CA LEU C 6 -4.11 31.24 63.60
C LEU C 6 -2.91 30.45 64.12
N PRO C 7 -2.88 29.15 63.85
CA PRO C 7 -1.79 28.30 64.31
C PRO C 7 -0.47 28.77 63.72
N PRO C 8 0.63 28.31 64.30
CA PRO C 8 1.96 28.72 63.87
C PRO C 8 2.28 28.28 62.45
N ASP C 9 3.29 28.92 61.87
CA ASP C 9 3.75 28.58 60.54
C ASP C 9 4.65 27.35 60.60
N VAL C 10 4.41 26.41 59.70
CA VAL C 10 5.22 25.20 59.62
C VAL C 10 5.70 25.03 58.18
N PRO C 11 7.00 24.88 58.01
CA PRO C 11 7.60 24.75 56.69
C PRO C 11 7.06 23.55 55.91
N ASN C 12 6.61 23.81 54.69
CA ASN C 12 6.13 22.76 53.80
C ASN C 12 4.79 22.17 54.23
N ALA C 13 4.11 22.85 55.14
CA ALA C 13 2.81 22.40 55.63
C ALA C 13 1.81 23.55 55.70
N GLN C 14 0.53 23.22 55.52
CA GLN C 14 -0.55 24.21 55.57
C GLN C 14 -1.69 23.65 56.44
N PRO C 15 -1.93 24.30 57.57
CA PRO C 15 -2.98 23.87 58.50
C PRO C 15 -4.37 23.92 57.87
N ALA C 16 -5.17 22.90 58.15
CA ALA C 16 -6.53 22.83 57.64
C ALA C 16 -7.46 23.60 58.55
N LEU C 17 -7.72 24.87 58.22
CA LEU C 17 -8.52 25.74 59.08
C LEU C 17 -9.97 25.35 59.43
N GLU C 18 -10.98 25.86 58.72
CA GLU C 18 -10.86 26.86 57.67
C GLU C 18 -12.28 27.18 57.24
N GLY C 19 -12.51 28.41 56.83
CA GLY C 19 -11.48 29.43 56.87
C GLY C 19 -11.56 30.08 58.25
N ARG C 20 -11.59 29.24 59.29
CA ARG C 20 -11.66 29.70 60.67
C ARG C 20 -10.54 30.65 61.01
N THR C 21 -10.81 31.56 61.94
CA THR C 21 -9.85 32.57 62.34
C THR C 21 -9.65 32.53 63.84
N SER C 22 -10.59 31.92 64.54
CA SER C 22 -10.51 31.79 65.99
C SER C 22 -10.73 30.34 66.39
N PHE C 23 -9.97 29.90 67.36
CA PHE C 23 -10.04 28.52 67.80
C PHE C 23 -10.14 28.42 69.31
N PRO C 24 -11.26 27.87 69.78
CA PRO C 24 -11.50 27.71 71.21
C PRO C 24 -10.54 26.69 71.81
N GLU C 25 -10.27 26.84 73.10
CA GLU C 25 -9.36 25.95 73.78
C GLU C 25 -9.67 24.48 73.49
N ASP C 26 -8.61 23.67 73.41
CA ASP C 26 -8.74 22.24 73.13
C ASP C 26 -8.89 21.95 71.64
N THR C 27 -9.17 22.98 70.85
CA THR C 27 -9.29 22.79 69.42
C THR C 27 -7.99 22.22 68.89
N VAL C 28 -8.09 21.17 68.09
CA VAL C 28 -6.90 20.54 67.51
C VAL C 28 -6.88 20.75 66.01
N ILE C 29 -5.79 21.33 65.51
CA ILE C 29 -5.65 21.59 64.09
C ILE C 29 -4.55 20.74 63.47
N THR C 30 -4.84 20.14 62.32
CA THR C 30 -3.88 19.30 61.63
C THR C 30 -3.27 20.03 60.44
N TYR C 31 -1.97 19.88 60.25
CA TYR C 31 -1.29 20.48 59.12
C TYR C 31 -1.24 19.47 57.98
N LYS C 32 -1.15 19.95 56.75
CA LYS C 32 -1.12 19.08 55.57
C LYS C 32 0.09 19.38 54.69
N CYS C 33 0.94 18.38 54.50
CA CYS C 33 2.15 18.55 53.69
C CYS C 33 1.83 19.16 52.33
N GLU C 34 2.70 20.05 51.87
CA GLU C 34 2.51 20.70 50.58
C GLU C 34 2.93 19.77 49.45
N GLU C 35 2.68 20.19 48.22
CA GLU C 35 3.04 19.42 47.05
C GLU C 35 4.50 18.96 47.12
N SER C 36 4.75 17.70 46.75
CA SER C 36 6.10 17.14 46.74
C SER C 36 6.57 16.70 48.13
N PHE C 37 5.66 16.75 49.09
CA PHE C 37 5.97 16.40 50.46
C PHE C 37 4.95 15.41 51.01
N VAL C 38 5.40 14.59 51.96
CA VAL C 38 4.53 13.64 52.64
C VAL C 38 4.91 13.57 54.11
N LYS C 39 3.90 13.47 54.98
CA LYS C 39 4.14 13.45 56.41
C LYS C 39 5.02 12.27 56.85
N ILE C 40 6.06 12.57 57.64
CA ILE C 40 6.94 11.53 58.16
C ILE C 40 6.19 10.73 59.20
N PRO C 41 6.05 9.43 58.96
CA PRO C 41 5.31 8.55 59.86
C PRO C 41 5.77 8.67 61.30
N GLY C 42 4.84 8.51 62.23
CA GLY C 42 5.14 8.56 63.67
C GLY C 42 5.53 9.96 64.11
N GLU C 43 5.18 10.95 63.29
CA GLU C 43 5.50 12.35 63.58
C GLU C 43 4.25 13.17 63.82
N LYS C 44 4.32 14.09 64.78
CA LYS C 44 3.20 14.98 65.11
C LYS C 44 2.89 15.92 63.96
N ASP C 45 1.66 15.91 63.48
CA ASP C 45 1.28 16.77 62.37
C ASP C 45 0.21 17.78 62.74
N SER C 46 -0.02 17.95 64.03
CA SER C 46 -1.06 18.85 64.49
C SER C 46 -0.74 19.57 65.78
N VAL C 47 -1.58 20.56 66.09
CA VAL C 47 -1.44 21.34 67.31
C VAL C 47 -2.80 21.47 67.96
N ILE C 48 -2.79 21.75 69.26
CA ILE C 48 -4.01 21.95 70.00
C ILE C 48 -3.92 23.29 70.70
N CYS C 49 -5.07 23.88 70.99
CA CYS C 49 -5.11 25.17 71.68
C CYS C 49 -5.07 24.97 73.19
N LEU C 50 -3.95 25.36 73.79
CA LEU C 50 -3.74 25.21 75.23
C LEU C 50 -4.21 26.45 75.99
N LYS C 51 -4.08 26.39 77.31
CA LYS C 51 -4.42 27.52 78.17
C LYS C 51 -3.48 28.67 77.86
N GLY C 52 -4.01 29.89 77.87
CA GLY C 52 -3.21 31.08 77.59
C GLY C 52 -3.20 31.43 76.11
N SER C 53 -4.21 30.95 75.39
CA SER C 53 -4.30 31.19 73.95
C SER C 53 -3.00 30.79 73.26
N GLN C 54 -2.42 29.66 73.69
CA GLN C 54 -1.18 29.18 73.12
C GLN C 54 -1.32 27.83 72.42
N TRP C 55 -0.76 27.74 71.22
CA TRP C 55 -0.80 26.51 70.45
C TRP C 55 0.31 25.56 70.90
N SER C 56 -0.02 24.27 70.96
CA SER C 56 0.95 23.27 71.35
C SER C 56 2.13 23.39 70.40
N ASP C 57 3.27 22.86 70.82
CA ASP C 57 4.47 22.92 69.99
C ASP C 57 4.42 21.89 68.88
N ILE C 58 4.90 22.29 67.69
CA ILE C 58 4.96 21.41 66.54
C ILE C 58 6.22 21.71 65.74
N GLU C 59 6.82 20.66 65.17
CA GLU C 59 8.03 20.84 64.38
C GLU C 59 7.86 20.19 63.01
N GLU C 60 8.62 20.66 62.03
CA GLU C 60 8.58 20.13 60.67
C GLU C 60 8.39 18.62 60.66
N PHE C 61 7.45 18.15 59.85
CA PHE C 61 7.13 16.74 59.79
C PHE C 61 6.99 16.27 58.34
N CYS C 62 7.25 17.18 57.41
CA CYS C 62 7.12 16.86 55.99
C CYS C 62 8.48 16.58 55.35
N ASN C 63 8.57 15.45 54.68
CA ASN C 63 9.75 15.10 53.93
C ASN C 63 9.43 15.01 52.45
N ARG C 64 10.38 15.42 51.61
CA ARG C 64 10.18 15.34 50.17
C ARG C 64 9.98 13.89 49.77
N SER C 65 9.18 13.65 48.74
CA SER C 65 8.88 12.28 48.33
C SER C 65 8.38 12.18 46.89
N CYS C 66 8.71 11.08 46.22
CA CYS C 66 8.24 10.84 44.87
C CYS C 66 6.74 10.57 44.96
N GLU C 67 6.04 10.70 43.85
CA GLU C 67 4.62 10.38 43.81
C GLU C 67 4.45 8.87 43.88
N VAL C 68 3.22 8.40 43.84
CA VAL C 68 2.95 6.98 43.83
C VAL C 68 3.63 6.37 42.60
N PRO C 69 4.23 5.19 42.79
CA PRO C 69 4.96 4.52 41.71
C PRO C 69 4.20 4.52 40.39
N THR C 70 4.96 4.50 39.30
CA THR C 70 4.41 4.49 37.96
C THR C 70 3.54 3.26 37.70
N ARG C 71 2.44 3.45 36.99
CA ARG C 71 1.57 2.34 36.62
C ARG C 71 2.18 1.65 35.41
N LEU C 72 2.31 0.33 35.49
CA LEU C 72 2.86 -0.44 34.40
C LEU C 72 1.85 -1.48 33.96
N ASN C 73 1.91 -1.85 32.69
CA ASN C 73 1.01 -2.87 32.17
C ASN C 73 1.60 -4.23 32.46
N SER C 74 2.92 -4.28 32.50
CA SER C 74 3.64 -5.53 32.75
C SER C 74 3.54 -6.00 34.20
N ALA C 75 3.80 -5.10 35.13
CA ALA C 75 3.83 -5.47 36.53
C ALA C 75 3.02 -4.55 37.42
N SER C 76 2.67 -5.05 38.60
CA SER C 76 1.98 -4.26 39.60
C SER C 76 2.83 -4.20 40.87
N LEU C 77 2.45 -3.33 41.79
CA LEU C 77 3.19 -3.15 43.04
C LEU C 77 2.94 -4.29 44.02
N LYS C 78 3.94 -4.58 44.83
CA LYS C 78 3.80 -5.59 45.87
C LYS C 78 3.52 -4.87 47.18
N GLN C 79 3.15 -5.61 48.21
CA GLN C 79 2.94 -5.01 49.52
C GLN C 79 4.30 -4.79 50.19
N PRO C 80 4.42 -3.72 50.97
CA PRO C 80 3.29 -2.86 51.28
C PRO C 80 3.25 -1.63 50.38
N TYR C 81 4.23 -1.54 49.48
CA TYR C 81 4.30 -0.41 48.56
C TYR C 81 2.96 -0.13 47.90
N ILE C 82 2.11 -1.15 47.84
CA ILE C 82 0.81 -1.05 47.20
C ILE C 82 -0.08 0.01 47.84
N THR C 83 0.06 0.17 49.16
CA THR C 83 -0.77 1.12 49.91
C THR C 83 0.01 2.32 50.44
N GLN C 84 1.34 2.30 50.24
CA GLN C 84 2.21 3.37 50.73
C GLN C 84 2.13 4.65 49.88
N ASN C 85 2.40 5.79 50.52
CA ASN C 85 2.42 7.08 49.84
C ASN C 85 3.69 7.83 50.22
N TYR C 86 4.35 7.36 51.27
CA TYR C 86 5.58 7.99 51.76
C TYR C 86 6.79 7.43 51.04
N PHE C 87 7.30 8.19 50.07
CA PHE C 87 8.44 7.75 49.29
C PHE C 87 9.62 8.71 49.36
N PRO C 88 10.28 8.75 50.52
CA PRO C 88 11.46 9.57 50.68
C PRO C 88 12.47 9.26 49.58
N VAL C 89 13.36 10.20 49.28
CA VAL C 89 14.34 10.02 48.22
C VAL C 89 15.29 8.86 48.52
N GLY C 90 15.49 7.98 47.54
CA GLY C 90 16.35 6.82 47.70
C GLY C 90 15.55 5.60 48.13
N THR C 91 14.23 5.70 48.08
CA THR C 91 13.37 4.59 48.46
C THR C 91 13.24 3.61 47.29
N VAL C 92 13.16 2.33 47.61
CA VAL C 92 13.07 1.30 46.60
C VAL C 92 11.78 0.50 46.72
N VAL C 93 11.04 0.44 45.63
CA VAL C 93 9.79 -0.30 45.59
C VAL C 93 9.95 -1.52 44.68
N GLU C 94 9.33 -2.62 45.07
CA GLU C 94 9.41 -3.85 44.28
C GLU C 94 8.10 -4.12 43.56
N TYR C 95 8.22 -4.62 42.33
CA TYR C 95 7.06 -4.94 41.51
C TYR C 95 6.95 -6.45 41.30
N GLU C 96 5.73 -6.90 41.06
CA GLU C 96 5.49 -8.31 40.74
C GLU C 96 4.81 -8.35 39.37
N CYS C 97 5.03 -9.43 38.63
CA CYS C 97 4.47 -9.56 37.30
C CYS C 97 2.94 -9.66 37.30
N ARG C 98 2.34 -8.97 36.35
CA ARG C 98 0.90 -9.00 36.18
C ARG C 98 0.56 -10.16 35.26
N PRO C 99 -0.72 -10.52 35.20
CA PRO C 99 -1.16 -11.55 34.27
C PRO C 99 -1.48 -10.87 32.95
N GLY C 100 -0.96 -11.40 31.85
CA GLY C 100 -0.14 -12.60 31.88
C GLY C 100 1.28 -12.31 31.43
N TYR C 101 2.11 -11.81 32.34
CA TYR C 101 3.50 -11.53 32.05
C TYR C 101 4.38 -12.40 32.93
N ARG C 102 5.66 -12.50 32.57
CA ARG C 102 6.60 -13.32 33.32
C ARG C 102 7.86 -12.53 33.65
N ARG C 103 8.57 -12.97 34.68
CA ARG C 103 9.77 -12.29 35.15
C ARG C 103 10.99 -12.48 34.26
N GLU C 104 11.75 -11.42 34.07
CA GLU C 104 13.01 -11.48 33.35
C GLU C 104 14.15 -11.43 34.37
N PRO C 105 14.39 -12.57 35.01
CA PRO C 105 15.37 -12.71 36.10
C PRO C 105 16.61 -11.81 36.03
N SER C 106 17.21 -11.70 34.85
CA SER C 106 18.38 -10.85 34.68
C SER C 106 18.01 -9.36 34.83
N LEU C 107 16.72 -9.10 35.07
CA LEU C 107 16.24 -7.73 35.19
C LEU C 107 15.67 -7.42 36.58
N SER C 108 15.93 -6.20 37.05
CA SER C 108 15.47 -5.74 38.36
C SER C 108 14.03 -5.27 38.34
N PRO C 109 13.19 -5.85 39.19
CA PRO C 109 11.79 -5.46 39.26
C PRO C 109 11.60 -4.34 40.27
N LYS C 110 12.69 -3.67 40.62
CA LYS C 110 12.65 -2.61 41.63
C LYS C 110 12.88 -1.22 41.05
N LEU C 111 12.14 -0.26 41.59
CA LEU C 111 12.27 1.14 41.18
C LEU C 111 12.76 1.96 42.36
N THR C 112 13.43 3.07 42.07
CA THR C 112 14.00 3.90 43.13
C THR C 112 13.62 5.36 43.00
N CYS C 113 13.35 6.01 44.13
CA CYS C 113 13.02 7.42 44.14
C CYS C 113 14.28 8.28 44.05
N LEU C 114 14.42 8.98 42.92
CA LEU C 114 15.58 9.81 42.67
C LEU C 114 15.53 11.14 43.42
N GLN C 115 16.66 11.84 43.44
CA GLN C 115 16.75 13.11 44.14
C GLN C 115 15.76 14.14 43.62
N ASN C 116 15.51 14.10 42.31
CA ASN C 116 14.56 15.02 41.71
C ASN C 116 13.14 14.54 41.94
N LEU C 117 12.99 13.59 42.88
CA LEU C 117 11.69 13.03 43.22
C LEU C 117 11.00 12.46 41.99
N LYS C 118 11.72 11.60 41.29
CA LYS C 118 11.19 10.93 40.12
C LYS C 118 11.57 9.45 40.23
N TRP C 119 10.88 8.60 39.48
CA TRP C 119 11.17 7.18 39.53
C TRP C 119 12.22 6.77 38.53
N SER C 120 13.16 5.96 38.99
CA SER C 120 14.21 5.45 38.13
C SER C 120 13.56 4.80 36.93
N THR C 121 14.15 4.99 35.75
CA THR C 121 13.62 4.38 34.54
C THR C 121 13.48 2.89 34.76
N ALA C 122 12.34 2.34 34.36
CA ALA C 122 12.10 0.92 34.51
C ALA C 122 12.66 0.14 33.33
N VAL C 123 12.87 -1.14 33.54
CA VAL C 123 13.35 -2.04 32.49
C VAL C 123 12.36 -3.18 32.32
N GLU C 124 12.51 -3.96 31.25
CA GLU C 124 11.61 -5.07 30.98
C GLU C 124 11.84 -6.25 31.91
N PHE C 125 11.52 -6.09 33.18
CA PHE C 125 11.68 -7.17 34.14
C PHE C 125 10.49 -8.12 34.09
N CYS C 126 9.38 -7.65 33.52
CA CYS C 126 8.20 -8.49 33.34
C CYS C 126 7.87 -8.63 31.86
N LYS C 127 8.23 -9.78 31.29
CA LYS C 127 8.03 -10.07 29.86
C LYS C 127 6.62 -10.63 29.58
N LYS C 128 6.18 -10.50 28.33
CA LYS C 128 4.89 -11.05 27.93
C LYS C 128 4.98 -12.57 27.85
N LYS C 129 3.96 -13.24 28.39
CA LYS C 129 3.94 -14.70 28.37
C LYS C 129 3.70 -15.20 26.95
N SER C 130 4.33 -16.32 26.59
CA SER C 130 4.15 -16.89 25.27
C SER C 130 2.90 -17.75 25.20
N CYS C 131 2.37 -17.91 24.09
CA CYS C 131 1.19 -18.74 23.91
C CYS C 131 1.63 -20.05 23.28
N PRO C 132 0.84 -21.08 23.46
CA PRO C 132 1.17 -22.38 22.89
C PRO C 132 1.28 -22.27 21.39
N ASN C 133 2.09 -23.13 20.78
CA ASN C 133 2.24 -23.13 19.33
C ASN C 133 0.86 -23.31 18.71
N PRO C 134 0.48 -22.41 17.81
CA PRO C 134 -0.83 -22.46 17.16
C PRO C 134 -1.09 -23.86 16.57
N GLY C 135 -0.05 -24.47 16.04
CA GLY C 135 -0.17 -25.81 15.47
C GLY C 135 -0.31 -25.80 13.95
N GLU C 136 -1.30 -26.52 13.44
CA GLU C 136 -1.50 -26.64 12.00
C GLU C 136 -2.94 -26.88 11.60
N ILE C 137 -3.24 -26.61 10.33
CA ILE C 137 -4.56 -26.85 9.79
C ILE C 137 -4.52 -27.72 8.54
N ARG C 138 -5.11 -28.90 8.61
CA ARG C 138 -5.14 -29.81 7.48
C ARG C 138 -5.82 -29.14 6.29
N ASN C 139 -5.04 -28.87 5.26
CA ASN C 139 -5.56 -28.25 4.04
C ASN C 139 -5.88 -26.78 4.27
N GLY C 140 -5.19 -26.18 5.23
CA GLY C 140 -5.35 -24.77 5.54
C GLY C 140 -4.02 -24.19 5.97
N GLN C 141 -4.03 -22.93 6.38
CA GLN C 141 -2.82 -22.24 6.82
C GLN C 141 -3.12 -21.35 8.01
N ILE C 142 -2.10 -21.11 8.84
CA ILE C 142 -2.23 -20.23 9.98
C ILE C 142 -1.33 -19.02 9.79
N ASP C 143 -1.94 -17.84 9.66
CA ASP C 143 -1.19 -16.60 9.50
C ASP C 143 -0.84 -16.00 10.86
N VAL C 144 0.44 -16.01 11.20
CA VAL C 144 0.92 -15.45 12.46
C VAL C 144 1.70 -14.16 12.17
N PRO C 145 0.99 -13.05 12.10
CA PRO C 145 1.58 -11.76 11.74
C PRO C 145 2.63 -11.24 12.70
N GLY C 146 2.33 -11.26 14.00
CA GLY C 146 3.25 -10.69 14.99
C GLY C 146 3.50 -11.55 16.23
N GLY C 147 4.08 -12.74 16.02
CA GLY C 147 4.43 -13.61 17.13
C GLY C 147 3.22 -14.32 17.75
N ILE C 148 3.48 -15.05 18.85
CA ILE C 148 2.44 -15.77 19.55
C ILE C 148 2.50 -15.50 21.05
N LEU C 149 2.81 -14.25 21.42
CA LEU C 149 2.87 -13.85 22.82
C LEU C 149 1.54 -13.30 23.28
N PHE C 150 1.45 -13.01 24.57
CA PHE C 150 0.23 -12.49 25.17
C PHE C 150 -0.29 -11.31 24.36
N GLY C 151 -1.56 -11.37 23.98
CA GLY C 151 -2.18 -10.30 23.21
C GLY C 151 -2.03 -10.52 21.71
N ALA C 152 -1.24 -11.52 21.32
CA ALA C 152 -1.01 -11.78 19.90
C ALA C 152 -2.29 -12.20 19.20
N THR C 153 -2.26 -12.18 17.87
CA THR C 153 -3.41 -12.58 17.08
C THR C 153 -2.97 -13.46 15.92
N ILE C 154 -3.82 -14.40 15.55
CA ILE C 154 -3.57 -15.27 14.40
C ILE C 154 -4.88 -15.46 13.65
N SER C 155 -4.79 -15.54 12.33
CA SER C 155 -5.97 -15.73 11.52
C SER C 155 -5.87 -17.04 10.75
N PHE C 156 -7.00 -17.54 10.29
CA PHE C 156 -7.06 -18.81 9.61
C PHE C 156 -7.59 -18.67 8.20
N SER C 157 -7.24 -19.64 7.36
CA SER C 157 -7.67 -19.68 5.98
C SER C 157 -7.58 -21.11 5.48
N CYS C 158 -8.28 -21.40 4.38
CA CYS C 158 -8.25 -22.73 3.82
C CYS C 158 -7.62 -22.72 2.45
N ASN C 159 -7.02 -23.85 2.09
CA ASN C 159 -6.39 -23.97 0.80
C ASN C 159 -7.44 -24.13 -0.29
N THR C 160 -7.03 -23.83 -1.52
CA THR C 160 -7.92 -23.96 -2.67
C THR C 160 -8.62 -25.31 -2.69
N GLY C 161 -9.95 -25.28 -2.64
CA GLY C 161 -10.75 -26.51 -2.69
C GLY C 161 -11.29 -26.93 -1.32
N TYR C 162 -11.03 -26.11 -0.30
CA TYR C 162 -11.46 -26.41 1.06
C TYR C 162 -12.19 -25.21 1.66
N LYS C 163 -13.11 -25.49 2.57
CA LYS C 163 -13.91 -24.44 3.18
C LYS C 163 -13.72 -24.38 4.69
N LEU C 164 -13.36 -23.21 5.18
CA LEU C 164 -13.14 -23.02 6.60
C LEU C 164 -14.43 -23.21 7.40
N PHE C 165 -14.32 -23.97 8.47
CA PHE C 165 -15.45 -24.19 9.38
C PHE C 165 -15.00 -23.94 10.80
N GLY C 166 -15.51 -22.86 11.39
CA GLY C 166 -15.17 -22.50 12.76
C GLY C 166 -14.66 -21.06 12.85
N SER C 167 -13.78 -20.82 13.82
CA SER C 167 -13.23 -19.49 14.03
C SER C 167 -12.31 -19.07 12.89
N THR C 168 -12.28 -17.78 12.60
CA THR C 168 -11.44 -17.26 11.54
C THR C 168 -10.17 -16.62 12.11
N SER C 169 -10.16 -16.45 13.42
CA SER C 169 -9.01 -15.88 14.11
C SER C 169 -8.98 -16.37 15.56
N SER C 170 -7.84 -16.16 16.22
CA SER C 170 -7.67 -16.58 17.61
C SER C 170 -6.77 -15.60 18.34
N PHE C 171 -7.20 -15.17 19.51
CA PHE C 171 -6.45 -14.23 20.34
C PHE C 171 -5.76 -14.93 21.49
N CYS C 172 -4.52 -14.53 21.79
CA CYS C 172 -3.82 -15.06 22.94
C CYS C 172 -4.23 -14.28 24.19
N LEU C 173 -5.18 -14.84 24.94
CA LEU C 173 -5.71 -14.19 26.13
C LEU C 173 -5.15 -14.82 27.40
N ILE C 174 -5.31 -14.13 28.52
CA ILE C 174 -4.89 -14.69 29.80
C ILE C 174 -6.01 -15.58 30.31
N SER C 175 -5.70 -16.86 30.47
CA SER C 175 -6.69 -17.82 30.93
C SER C 175 -6.25 -18.40 32.26
N GLY C 176 -6.92 -17.98 33.32
CA GLY C 176 -6.60 -18.45 34.66
C GLY C 176 -5.15 -18.15 35.04
N SER C 177 -4.30 -19.17 34.96
CA SER C 177 -2.91 -19.05 35.38
C SER C 177 -1.90 -18.65 34.30
N SER C 178 -2.36 -18.54 33.05
CA SER C 178 -1.46 -18.17 31.96
C SER C 178 -2.17 -17.54 30.78
N VAL C 179 -1.61 -17.76 29.59
CA VAL C 179 -2.20 -17.24 28.36
C VAL C 179 -2.56 -18.40 27.43
N GLN C 180 -3.76 -18.34 26.86
CA GLN C 180 -4.25 -19.39 25.99
C GLN C 180 -5.02 -18.80 24.80
N TRP C 181 -5.00 -19.49 23.66
CA TRP C 181 -5.72 -19.03 22.47
C TRP C 181 -7.22 -18.99 22.72
N SER C 182 -7.83 -17.85 22.48
CA SER C 182 -9.26 -17.66 22.69
C SER C 182 -10.12 -18.71 21.98
N ASP C 183 -9.79 -18.99 20.72
CA ASP C 183 -10.58 -19.91 19.90
C ASP C 183 -9.79 -21.12 19.46
N PRO C 184 -10.50 -22.24 19.29
CA PRO C 184 -9.87 -23.47 18.82
C PRO C 184 -9.57 -23.36 17.32
N LEU C 185 -8.76 -24.29 16.82
CA LEU C 185 -8.39 -24.31 15.42
C LEU C 185 -9.59 -24.76 14.59
N PRO C 186 -9.94 -23.96 13.58
CA PRO C 186 -11.08 -24.29 12.72
C PRO C 186 -10.77 -25.48 11.82
N GLU C 187 -11.74 -25.85 11.00
CA GLU C 187 -11.60 -27.00 10.11
C GLU C 187 -11.68 -26.58 8.66
N CYS C 188 -10.87 -27.19 7.82
CA CYS C 188 -10.88 -26.90 6.39
C CYS C 188 -11.55 -28.03 5.63
N ARG C 189 -12.88 -28.00 5.61
CA ARG C 189 -13.66 -29.04 4.93
C ARG C 189 -13.24 -29.16 3.48
N GLU C 190 -13.98 -30.07 2.73
CA GLU C 190 -13.66 -30.29 1.34
C GLU C 190 -14.85 -30.02 0.45
N ILE C 191 -14.67 -29.11 -0.49
CA ILE C 191 -15.74 -28.76 -1.40
C ILE C 191 -15.93 -29.87 -2.42
N TYR C 192 -17.12 -30.45 -2.43
CA TYR C 192 -17.47 -31.46 -3.40
C TYR C 192 -18.31 -30.81 -4.49
N CYS C 193 -18.09 -31.23 -5.73
CA CYS C 193 -18.90 -30.75 -6.83
C CYS C 193 -20.21 -31.51 -6.77
N PRO C 194 -21.26 -30.94 -7.33
CA PRO C 194 -22.53 -31.65 -7.39
C PRO C 194 -22.29 -32.95 -8.17
N ALA C 195 -23.09 -33.97 -7.92
CA ALA C 195 -22.96 -35.23 -8.64
C ALA C 195 -22.99 -34.98 -10.13
N PRO C 196 -22.04 -35.55 -10.86
CA PRO C 196 -21.97 -35.34 -12.30
C PRO C 196 -23.30 -35.73 -12.93
N PRO C 197 -23.58 -35.18 -14.12
CA PRO C 197 -24.84 -35.45 -14.79
C PRO C 197 -24.81 -36.72 -15.62
N GLN C 198 -25.90 -37.48 -15.57
CA GLN C 198 -26.04 -38.69 -16.38
C GLN C 198 -26.43 -38.24 -17.78
N ILE C 199 -25.96 -38.96 -18.79
CA ILE C 199 -26.26 -38.57 -20.18
C ILE C 199 -27.01 -39.64 -20.96
N ASP C 200 -27.93 -39.19 -21.79
CA ASP C 200 -28.73 -40.11 -22.61
C ASP C 200 -27.85 -40.99 -23.48
N ASN C 201 -28.16 -42.28 -23.51
CA ASN C 201 -27.43 -43.23 -24.35
C ASN C 201 -25.93 -43.31 -24.03
N GLY C 202 -25.57 -42.89 -22.82
CA GLY C 202 -24.17 -42.92 -22.41
C GLY C 202 -24.04 -43.25 -20.94
N ILE C 203 -22.80 -43.48 -20.51
CA ILE C 203 -22.54 -43.78 -19.11
C ILE C 203 -21.27 -43.09 -18.64
N ILE C 204 -21.13 -42.95 -17.33
CA ILE C 204 -19.94 -42.39 -16.71
C ILE C 204 -19.04 -43.53 -16.29
N GLN C 205 -17.80 -43.50 -16.77
CA GLN C 205 -16.85 -44.55 -16.44
C GLN C 205 -16.34 -44.44 -15.01
N GLY C 206 -16.62 -45.47 -14.22
CA GLY C 206 -16.13 -45.52 -12.83
C GLY C 206 -16.61 -44.35 -12.00
N GLU C 207 -17.92 -44.15 -11.96
CA GLU C 207 -18.52 -43.06 -11.19
C GLU C 207 -18.13 -43.17 -9.72
N ARG C 208 -17.79 -42.03 -9.13
CA ARG C 208 -17.39 -41.99 -7.73
C ARG C 208 -18.50 -41.43 -6.87
N ASP C 209 -18.36 -41.60 -5.56
CA ASP C 209 -19.34 -41.12 -4.59
C ASP C 209 -19.25 -39.60 -4.48
N HIS C 210 -18.02 -39.10 -4.42
CA HIS C 210 -17.78 -37.67 -4.28
C HIS C 210 -16.63 -37.22 -5.16
N TYR C 211 -16.74 -36.01 -5.70
CA TYR C 211 -15.69 -35.45 -6.52
C TYR C 211 -15.22 -34.14 -5.92
N GLY C 212 -13.90 -34.05 -5.70
CA GLY C 212 -13.31 -32.85 -5.16
C GLY C 212 -12.65 -32.02 -6.25
N TYR C 213 -12.05 -30.91 -5.86
CA TYR C 213 -11.36 -30.02 -6.77
C TYR C 213 -10.44 -30.76 -7.74
N ARG C 214 -10.69 -30.58 -9.04
CA ARG C 214 -9.86 -31.13 -10.10
C ARG C 214 -10.19 -32.57 -10.52
N GLN C 215 -10.87 -33.30 -9.66
CA GLN C 215 -11.22 -34.68 -10.00
C GLN C 215 -12.03 -34.70 -11.29
N SER C 216 -11.81 -35.71 -12.12
CA SER C 216 -12.46 -35.78 -13.42
C SER C 216 -13.39 -36.98 -13.57
N VAL C 217 -14.43 -36.81 -14.39
CA VAL C 217 -15.34 -37.89 -14.71
C VAL C 217 -15.34 -38.17 -16.21
N THR C 218 -15.06 -39.43 -16.55
CA THR C 218 -14.99 -39.85 -17.94
C THR C 218 -16.32 -40.39 -18.41
N TYR C 219 -16.75 -39.96 -19.59
CA TYR C 219 -18.01 -40.41 -20.14
C TYR C 219 -17.78 -41.43 -21.22
N ALA C 220 -18.78 -42.28 -21.44
CA ALA C 220 -18.70 -43.30 -22.47
C ALA C 220 -20.07 -43.50 -23.09
N CYS C 221 -20.10 -43.62 -24.41
CA CYS C 221 -21.37 -43.76 -25.13
C CYS C 221 -21.76 -45.23 -25.30
N ASN C 222 -23.05 -45.49 -25.25
CA ASN C 222 -23.55 -46.84 -25.44
C ASN C 222 -23.29 -47.31 -26.87
N LYS C 223 -23.52 -48.60 -27.11
CA LYS C 223 -23.32 -49.19 -28.42
C LYS C 223 -24.25 -48.56 -29.45
N GLY C 224 -23.70 -48.23 -30.62
CA GLY C 224 -24.48 -47.66 -31.70
C GLY C 224 -24.67 -46.15 -31.54
N PHE C 225 -23.95 -45.57 -30.59
CA PHE C 225 -24.06 -44.14 -30.33
C PHE C 225 -22.73 -43.44 -30.54
N THR C 226 -22.80 -42.18 -30.93
CA THR C 226 -21.61 -41.40 -31.22
C THR C 226 -21.43 -40.32 -30.18
N MET C 227 -20.18 -40.12 -29.76
CA MET C 227 -19.88 -39.10 -28.77
C MET C 227 -19.60 -37.76 -29.45
N ILE C 228 -20.30 -36.73 -29.00
CA ILE C 228 -20.09 -35.40 -29.54
C ILE C 228 -19.84 -34.44 -28.39
N GLY C 229 -18.58 -34.22 -28.09
CA GLY C 229 -18.21 -33.34 -26.98
C GLY C 229 -16.95 -33.84 -26.29
N GLU C 230 -16.71 -33.33 -25.08
CA GLU C 230 -15.52 -33.69 -24.32
C GLU C 230 -15.68 -35.05 -23.66
N HIS C 231 -14.57 -35.78 -23.59
CA HIS C 231 -14.56 -37.11 -23.01
C HIS C 231 -14.73 -37.13 -21.49
N SER C 232 -14.17 -36.12 -20.84
CA SER C 232 -14.26 -36.02 -19.39
C SER C 232 -14.51 -34.59 -19.03
N ILE C 233 -14.90 -34.39 -17.77
CA ILE C 233 -15.12 -33.06 -17.23
C ILE C 233 -14.57 -33.08 -15.83
N TYR C 234 -14.07 -31.94 -15.37
CA TYR C 234 -13.47 -31.88 -14.06
C TYR C 234 -14.17 -30.93 -13.11
N CYS C 235 -13.91 -31.12 -11.83
CA CYS C 235 -14.52 -30.32 -10.79
C CYS C 235 -13.70 -29.06 -10.54
N THR C 236 -14.30 -27.90 -10.77
CA THR C 236 -13.65 -26.62 -10.52
C THR C 236 -14.22 -26.05 -9.24
N VAL C 237 -13.38 -25.43 -8.42
CA VAL C 237 -13.82 -24.97 -7.12
C VAL C 237 -13.71 -23.48 -6.83
N ASN C 238 -14.05 -22.66 -7.82
CA ASN C 238 -14.28 -21.26 -7.59
C ASN C 238 -15.75 -21.32 -7.23
N ASN C 239 -16.14 -20.82 -6.07
CA ASN C 239 -15.30 -20.01 -5.19
C ASN C 239 -15.78 -20.39 -3.81
N ASP C 240 -15.27 -21.52 -3.31
CA ASP C 240 -15.77 -22.13 -2.09
C ASP C 240 -17.07 -22.90 -2.37
N GLU C 241 -17.42 -22.96 -3.65
CA GLU C 241 -18.54 -23.78 -4.14
C GLU C 241 -18.02 -24.52 -5.38
N GLY C 242 -18.32 -25.81 -5.47
CA GLY C 242 -17.82 -26.62 -6.58
C GLY C 242 -18.76 -26.66 -7.77
N GLU C 243 -18.19 -26.64 -8.97
CA GLU C 243 -18.97 -26.72 -10.19
C GLU C 243 -18.18 -27.38 -11.33
N TRP C 244 -18.86 -28.22 -12.10
CA TRP C 244 -18.21 -28.95 -13.19
C TRP C 244 -17.70 -28.03 -14.27
N SER C 245 -16.51 -28.33 -14.79
CA SER C 245 -15.88 -27.52 -15.81
C SER C 245 -16.84 -27.11 -16.91
N GLY C 246 -17.58 -28.06 -17.45
CA GLY C 246 -18.53 -27.75 -18.52
C GLY C 246 -19.66 -28.74 -18.61
N PRO C 247 -20.27 -28.82 -19.78
CA PRO C 247 -21.38 -29.74 -20.02
C PRO C 247 -20.87 -31.11 -20.46
N PRO C 248 -21.54 -32.17 -19.98
CA PRO C 248 -21.20 -33.53 -20.38
C PRO C 248 -21.38 -33.70 -21.88
N PRO C 249 -20.84 -34.79 -22.44
CA PRO C 249 -20.91 -35.00 -23.89
C PRO C 249 -22.21 -35.62 -24.37
N GLU C 250 -22.49 -35.46 -25.65
CA GLU C 250 -23.67 -36.03 -26.25
C GLU C 250 -23.35 -37.38 -26.85
N CYS C 251 -24.29 -38.30 -26.75
CA CYS C 251 -24.14 -39.61 -27.34
C CYS C 251 -25.17 -39.75 -28.46
N ARG C 252 -24.81 -39.28 -29.65
CA ARG C 252 -25.72 -39.25 -30.79
C ARG C 252 -25.94 -40.62 -31.44
N GLY C 253 -27.20 -41.01 -31.55
CA GLY C 253 -27.56 -42.27 -32.18
C GLY C 253 -27.64 -42.10 -33.70
N GLN D 2 5.05 80.71 94.06
CA GLN D 2 5.00 79.26 93.79
C GLN D 2 4.57 78.95 92.36
N ASP D 3 5.20 79.63 91.42
CA ASP D 3 5.00 79.44 89.99
C ASP D 3 6.31 79.78 89.30
N CYS D 4 6.70 78.98 88.31
CA CYS D 4 7.94 79.24 87.59
C CYS D 4 7.66 80.00 86.32
N GLY D 5 8.74 80.45 85.68
CA GLY D 5 8.65 81.11 84.39
C GLY D 5 9.15 80.13 83.34
N LEU D 6 9.55 80.64 82.18
CA LEU D 6 10.07 79.79 81.12
C LEU D 6 11.30 79.02 81.60
N PRO D 7 11.35 77.72 81.32
CA PRO D 7 12.47 76.89 81.75
C PRO D 7 13.77 77.39 81.14
N PRO D 8 14.88 76.95 81.69
CA PRO D 8 16.20 77.39 81.24
C PRO D 8 16.50 76.98 79.81
N ASP D 9 17.48 77.64 79.23
CA ASP D 9 17.93 77.32 77.88
C ASP D 9 18.85 76.13 77.91
N VAL D 10 18.63 75.19 77.00
CA VAL D 10 19.46 74.00 76.89
C VAL D 10 19.90 73.86 75.45
N PRO D 11 21.21 73.73 75.26
CA PRO D 11 21.79 73.64 73.91
C PRO D 11 21.26 72.45 73.13
N ASN D 12 20.78 72.71 71.92
CA ASN D 12 20.31 71.66 71.03
C ASN D 12 18.99 71.04 71.47
N ALA D 13 18.30 71.70 72.40
CA ALA D 13 17.03 71.21 72.90
C ALA D 13 16.00 72.34 73.01
N GLN D 14 14.73 71.97 72.85
CA GLN D 14 13.64 72.94 72.93
C GLN D 14 12.53 72.36 73.80
N PRO D 15 12.29 72.99 74.95
CA PRO D 15 11.26 72.52 75.89
C PRO D 15 9.86 72.55 75.29
N ALA D 16 9.08 71.51 75.56
CA ALA D 16 7.71 71.42 75.07
C ALA D 16 6.79 72.16 76.03
N LEU D 17 6.50 73.42 75.72
CA LEU D 17 5.70 74.26 76.59
C LEU D 17 4.26 73.85 76.96
N GLU D 18 3.22 74.31 76.25
CA GLU D 18 3.28 75.33 75.21
C GLU D 18 1.83 75.57 74.79
N GLY D 19 1.53 76.79 74.35
CA GLY D 19 2.49 77.87 74.32
C GLY D 19 2.49 78.52 75.71
N ARG D 20 2.56 77.68 76.73
CA ARG D 20 2.54 78.11 78.12
C ARG D 20 3.63 79.11 78.46
N THR D 21 3.36 79.95 79.46
CA THR D 21 4.31 80.97 79.88
C THR D 21 4.55 80.89 81.39
N SER D 22 3.60 80.33 82.12
CA SER D 22 3.75 80.16 83.57
C SER D 22 3.56 78.71 83.96
N PHE D 23 4.30 78.27 84.96
CA PHE D 23 4.27 76.89 85.38
C PHE D 23 4.19 76.77 86.89
N PRO D 24 3.10 76.20 87.36
CA PRO D 24 2.88 76.01 88.79
C PRO D 24 3.88 75.01 89.36
N GLU D 25 4.16 75.14 90.66
CA GLU D 25 5.10 74.26 91.31
C GLU D 25 4.82 72.78 90.99
N ASP D 26 5.89 72.00 90.89
CA ASP D 26 5.78 70.57 90.59
C ASP D 26 5.62 70.29 89.10
N THR D 27 5.30 71.33 88.33
CA THR D 27 5.16 71.16 86.90
C THR D 27 6.47 70.62 86.34
N VAL D 28 6.38 69.58 85.52
CA VAL D 28 7.56 68.98 84.92
C VAL D 28 7.55 69.22 83.41
N ILE D 29 8.62 69.83 82.91
CA ILE D 29 8.73 70.11 81.49
C ILE D 29 9.85 69.29 80.84
N THR D 30 9.54 68.71 79.69
CA THR D 30 10.51 67.88 78.97
C THR D 30 11.08 68.64 77.78
N TYR D 31 12.38 68.53 77.58
CA TYR D 31 13.03 69.15 76.43
C TYR D 31 13.07 68.16 75.28
N LYS D 32 13.14 68.66 74.05
CA LYS D 32 13.17 67.80 72.87
C LYS D 32 14.35 68.15 71.97
N CYS D 33 15.22 67.16 71.75
CA CYS D 33 16.41 67.38 70.93
C CYS D 33 16.06 67.99 69.57
N GLU D 34 16.90 68.91 69.11
CA GLU D 34 16.67 69.57 67.83
C GLU D 34 17.09 68.67 66.69
N GLU D 35 16.82 69.10 65.46
CA GLU D 35 17.18 68.35 64.27
C GLU D 35 18.65 67.93 64.31
N SER D 36 18.91 66.67 63.92
CA SER D 36 20.27 66.13 63.89
C SER D 36 20.77 65.70 65.26
N PHE D 37 19.87 65.72 66.23
CA PHE D 37 20.23 65.34 67.60
C PHE D 37 19.24 64.33 68.16
N VAL D 38 19.71 63.50 69.09
CA VAL D 38 18.88 62.53 69.76
C VAL D 38 19.28 62.44 71.22
N LYS D 39 18.29 62.31 72.10
CA LYS D 39 18.56 62.28 73.54
C LYS D 39 19.46 61.11 73.95
N ILE D 40 20.50 61.42 74.72
CA ILE D 40 21.42 60.40 75.20
C ILE D 40 20.70 59.56 76.25
N PRO D 41 20.60 58.26 75.99
CA PRO D 41 19.88 57.36 76.89
C PRO D 41 20.37 57.46 78.33
N GLY D 42 19.44 57.27 79.28
CA GLY D 42 19.78 57.31 80.70
C GLY D 42 20.14 58.72 81.16
N GLU D 43 19.76 59.71 80.35
CA GLU D 43 20.05 61.10 80.67
C GLU D 43 18.78 61.90 80.93
N LYS D 44 18.86 62.80 81.91
CA LYS D 44 17.74 63.66 82.28
C LYS D 44 17.39 64.61 81.14
N ASP D 45 16.15 64.59 80.68
CA ASP D 45 15.73 65.45 79.59
C ASP D 45 14.65 66.44 80.00
N SER D 46 14.43 66.58 81.29
CA SER D 46 13.37 67.45 81.77
C SER D 46 13.71 68.17 83.06
N VAL D 47 12.86 69.13 83.41
CA VAL D 47 13.00 69.90 84.64
C VAL D 47 11.65 70.00 85.32
N ILE D 48 11.68 70.25 86.62
CA ILE D 48 10.46 70.42 87.38
C ILE D 48 10.55 71.75 88.10
N CYS D 49 9.39 72.32 88.42
CA CYS D 49 9.33 73.59 89.11
C CYS D 49 9.40 73.37 90.64
N LEU D 50 10.53 73.77 91.22
CA LEU D 50 10.77 73.61 92.65
C LEU D 50 10.28 74.83 93.43
N LYS D 51 10.43 74.75 94.76
CA LYS D 51 10.08 75.87 95.63
C LYS D 51 11.00 77.04 95.32
N GLY D 52 10.45 78.24 95.36
CA GLY D 52 11.22 79.46 95.09
C GLY D 52 11.19 79.83 93.61
N SER D 53 10.17 79.33 92.90
CA SER D 53 10.06 79.59 91.47
C SER D 53 11.36 79.23 90.75
N GLN D 54 11.96 78.11 91.15
CA GLN D 54 13.21 77.66 90.56
C GLN D 54 13.07 76.32 89.84
N TRP D 55 13.62 76.26 88.63
CA TRP D 55 13.61 75.03 87.83
C TRP D 55 14.73 74.10 88.26
N SER D 56 14.43 72.81 88.31
CA SER D 56 15.42 71.82 88.65
C SER D 56 16.59 71.97 87.69
N ASP D 57 17.74 71.46 88.09
CA ASP D 57 18.92 71.55 87.24
C ASP D 57 18.88 70.54 86.10
N ILE D 58 19.33 70.98 84.93
CA ILE D 58 19.38 70.12 83.75
C ILE D 58 20.63 70.44 82.94
N GLU D 59 21.24 69.42 82.35
CA GLU D 59 22.44 69.63 81.54
C GLU D 59 22.24 68.99 80.16
N GLU D 60 22.99 69.50 79.18
CA GLU D 60 22.93 68.99 77.81
C GLU D 60 22.76 67.48 77.79
N PHE D 61 21.82 66.99 76.99
CA PHE D 61 21.53 65.57 76.91
C PHE D 61 21.38 65.13 75.46
N CYS D 62 21.60 66.06 74.53
CA CYS D 62 21.46 65.76 73.12
C CYS D 62 22.81 65.51 72.44
N ASN D 63 22.76 64.85 71.31
CA ASN D 63 23.96 64.50 70.55
C ASN D 63 23.63 64.36 69.08
N ARG D 64 24.55 64.78 68.22
CA ARG D 64 24.34 64.64 66.78
C ARG D 64 24.19 63.17 66.44
N SER D 65 23.40 62.86 65.42
CA SER D 65 23.14 61.47 65.05
C SER D 65 22.62 61.32 63.62
N CYS D 66 23.00 60.21 62.99
CA CYS D 66 22.52 59.90 61.65
C CYS D 66 21.04 59.58 61.77
N GLU D 67 20.32 59.65 60.65
CA GLU D 67 18.92 59.28 60.64
C GLU D 67 18.80 57.77 60.75
N VAL D 68 17.58 57.26 60.74
CA VAL D 68 17.37 55.82 60.78
C VAL D 68 18.07 55.20 59.58
N PRO D 69 18.71 54.06 59.79
CA PRO D 69 19.44 53.37 58.73
C PRO D 69 18.68 53.30 57.42
N THR D 70 19.43 53.27 56.33
CA THR D 70 18.86 53.20 54.98
C THR D 70 18.04 51.94 54.78
N ARG D 71 16.93 52.07 54.07
CA ARG D 71 16.10 50.91 53.74
C ARG D 71 16.72 50.21 52.55
N LEU D 72 16.89 48.90 52.67
CA LEU D 72 17.47 48.11 51.60
C LEU D 72 16.48 47.02 51.20
N ASN D 73 16.56 46.60 49.95
CA ASN D 73 15.68 45.54 49.47
C ASN D 73 16.31 44.21 49.80
N SER D 74 17.65 44.20 49.84
CA SER D 74 18.41 42.99 50.11
C SER D 74 18.34 42.56 51.57
N ALA D 75 18.58 43.50 52.48
CA ALA D 75 18.63 43.19 53.90
C ALA D 75 17.79 44.11 54.76
N SER D 76 17.48 43.63 55.96
CA SER D 76 16.76 44.42 56.94
C SER D 76 17.61 44.55 58.19
N LEU D 77 17.21 45.45 59.09
CA LEU D 77 17.96 45.69 60.32
C LEU D 77 17.76 44.58 61.34
N LYS D 78 18.78 44.35 62.15
CA LYS D 78 18.68 43.37 63.22
C LYS D 78 18.39 44.13 64.51
N GLN D 79 18.04 43.41 65.57
CA GLN D 79 17.82 44.04 66.86
C GLN D 79 19.18 44.33 67.51
N PRO D 80 19.27 45.42 68.26
CA PRO D 80 18.12 46.26 68.55
C PRO D 80 18.02 47.45 67.60
N TYR D 81 18.98 47.55 66.70
CA TYR D 81 19.02 48.65 65.74
C TYR D 81 17.66 48.87 65.08
N ILE D 82 16.85 47.82 65.07
CA ILE D 82 15.53 47.85 64.43
C ILE D 82 14.61 48.89 65.06
N THR D 83 14.76 49.11 66.35
CA THR D 83 13.90 50.04 67.08
C THR D 83 14.65 51.29 67.57
N GLN D 84 15.96 51.31 67.37
CA GLN D 84 16.81 52.42 67.81
C GLN D 84 16.67 53.67 66.91
N ASN D 85 16.91 54.84 67.52
CA ASN D 85 16.88 56.10 66.79
C ASN D 85 18.12 56.92 67.13
N TYR D 86 18.81 56.50 68.20
CA TYR D 86 20.02 57.19 68.65
C TYR D 86 21.24 56.65 67.94
N PHE D 87 21.72 57.40 66.95
CA PHE D 87 22.87 56.96 66.17
C PHE D 87 24.01 57.97 66.20
N PRO D 88 24.68 58.07 67.34
CA PRO D 88 25.83 58.95 67.47
C PRO D 88 26.84 58.63 66.37
N VAL D 89 27.70 59.60 66.04
CA VAL D 89 28.68 59.41 64.97
C VAL D 89 29.68 58.30 65.30
N GLY D 90 29.89 57.40 64.34
CA GLY D 90 30.79 56.27 64.53
C GLY D 90 30.04 55.03 65.02
N THR D 91 28.72 55.08 64.97
CA THR D 91 27.90 53.95 65.40
C THR D 91 27.79 52.95 64.26
N VAL D 92 27.76 51.67 64.62
CA VAL D 92 27.71 50.60 63.64
C VAL D 92 26.45 49.76 63.80
N VAL D 93 25.69 49.64 62.72
CA VAL D 93 24.47 48.85 62.72
C VAL D 93 24.66 47.62 61.86
N GLU D 94 24.09 46.50 62.28
CA GLU D 94 24.21 45.25 61.53
C GLU D 94 22.90 44.91 60.83
N TYR D 95 23.03 44.37 59.62
CA TYR D 95 21.87 43.99 58.82
C TYR D 95 21.82 42.48 58.65
N GLU D 96 20.61 41.97 58.45
CA GLU D 96 20.42 40.54 58.17
C GLU D 96 19.74 40.43 56.81
N CYS D 97 19.99 39.33 56.11
CA CYS D 97 19.42 39.15 54.78
C CYS D 97 17.91 38.99 54.80
N ARG D 98 17.25 39.63 53.84
CA ARG D 98 15.82 39.54 53.68
C ARG D 98 15.52 38.34 52.79
N PRO D 99 14.26 37.94 52.76
CA PRO D 99 13.85 36.86 51.87
C PRO D 99 13.49 37.49 50.53
N GLY D 100 14.02 36.95 49.45
CA GLY D 100 14.87 35.77 49.51
C GLY D 100 16.29 36.10 49.03
N TYR D 101 17.09 36.66 49.92
CA TYR D 101 18.48 36.97 49.61
C TYR D 101 19.40 36.16 50.51
N ARG D 102 20.67 36.10 50.15
CA ARG D 102 21.65 35.33 50.92
C ARG D 102 22.89 36.18 51.21
N ARG D 103 23.62 35.80 52.24
CA ARG D 103 24.80 36.55 52.68
C ARG D 103 26.01 36.35 51.79
N GLU D 104 26.74 37.44 51.55
CA GLU D 104 27.99 37.40 50.82
C GLU D 104 29.13 37.51 51.82
N PRO D 105 29.42 36.41 52.52
CA PRO D 105 30.42 36.34 53.59
C PRO D 105 31.62 37.29 53.48
N SER D 106 32.20 37.37 52.29
CA SER D 106 33.34 38.26 52.08
C SER D 106 32.91 39.73 52.19
N LEU D 107 31.62 39.96 52.43
CA LEU D 107 31.09 41.32 52.51
C LEU D 107 30.55 41.65 53.89
N SER D 108 30.75 42.90 54.32
CA SER D 108 30.29 43.38 55.62
C SER D 108 28.83 43.81 55.60
N PRO D 109 28.02 43.22 56.47
CA PRO D 109 26.60 43.56 56.54
C PRO D 109 26.38 44.72 57.52
N LYS D 110 27.45 45.42 57.84
CA LYS D 110 27.40 46.51 58.81
C LYS D 110 27.56 47.89 58.18
N LEU D 111 26.78 48.85 58.70
CA LEU D 111 26.87 50.23 58.24
C LEU D 111 27.34 51.10 59.39
N THR D 112 27.96 52.23 59.06
CA THR D 112 28.51 53.11 60.09
C THR D 112 28.08 54.55 59.90
N CYS D 113 27.80 55.22 61.02
CA CYS D 113 27.41 56.63 60.98
C CYS D 113 28.64 57.53 60.85
N LEU D 114 28.75 58.19 59.70
CA LEU D 114 29.89 59.06 59.41
C LEU D 114 29.79 60.40 60.13
N GLN D 115 30.89 61.15 60.12
CA GLN D 115 30.95 62.45 60.78
C GLN D 115 29.91 63.41 60.22
N ASN D 116 29.66 63.33 58.93
CA ASN D 116 28.67 64.20 58.30
C ASN D 116 27.26 63.67 58.57
N LEU D 117 27.16 62.76 59.54
CA LEU D 117 25.89 62.15 59.90
C LEU D 117 25.21 61.52 58.70
N LYS D 118 25.95 60.67 58.01
CA LYS D 118 25.43 59.93 56.87
C LYS D 118 25.86 58.49 57.03
N TRP D 119 25.20 57.59 56.31
CA TRP D 119 25.53 56.17 56.40
C TRP D 119 26.60 55.77 55.42
N SER D 120 27.57 55.00 55.89
CA SER D 120 28.63 54.51 55.04
C SER D 120 27.99 53.79 53.87
N THR D 121 28.56 53.97 52.67
CA THR D 121 28.05 53.30 51.49
C THR D 121 27.96 51.81 51.75
N ALA D 122 26.84 51.21 51.38
CA ALA D 122 26.64 49.78 51.58
C ALA D 122 27.23 49.00 50.42
N VAL D 123 27.49 47.72 50.67
CA VAL D 123 27.99 46.80 49.65
C VAL D 123 27.03 45.63 49.53
N GLU D 124 27.21 44.82 48.49
CA GLU D 124 26.34 43.67 48.25
C GLU D 124 26.62 42.52 49.22
N PHE D 125 26.31 42.73 50.49
CA PHE D 125 26.51 41.68 51.48
C PHE D 125 25.35 40.69 51.47
N CYS D 126 24.23 41.09 50.90
CA CYS D 126 23.07 40.21 50.76
C CYS D 126 22.73 40.01 49.29
N LYS D 127 23.14 38.86 48.74
CA LYS D 127 22.93 38.52 47.33
C LYS D 127 21.55 37.90 47.08
N LYS D 128 21.10 37.96 45.84
CA LYS D 128 19.81 37.37 45.47
C LYS D 128 19.96 35.85 45.44
N LYS D 129 18.98 35.15 46.00
CA LYS D 129 19.00 33.70 46.03
C LYS D 129 18.77 33.14 44.63
N SER D 130 19.43 32.04 44.31
CA SER D 130 19.27 31.42 43.00
C SER D 130 18.04 30.52 42.97
N CYS D 131 17.40 30.42 41.73
CA CYS D 131 16.26 29.55 41.56
C CYS D 131 16.75 28.26 40.95
N PRO D 132 16.00 27.18 41.14
CA PRO D 132 16.38 25.90 40.58
C PRO D 132 16.46 26.01 39.05
N ASN D 133 17.30 25.19 38.45
CA ASN D 133 17.42 25.19 37.00
C ASN D 133 16.04 24.94 36.39
N PRO D 134 15.61 25.82 35.50
CA PRO D 134 14.30 25.71 34.87
C PRO D 134 14.08 24.31 34.29
N GLY D 135 15.15 23.73 33.74
CA GLY D 135 15.07 22.39 33.18
C GLY D 135 14.91 22.39 31.67
N GLU D 136 13.95 21.62 31.17
CA GLU D 136 13.73 21.50 29.74
C GLU D 136 12.29 21.19 29.36
N ILE D 137 11.96 21.44 28.09
CA ILE D 137 10.63 21.14 27.58
C ILE D 137 10.69 20.27 26.33
N ARG D 138 10.15 19.06 26.42
CA ARG D 138 10.15 18.15 25.29
C ARG D 138 9.42 18.78 24.10
N ASN D 139 10.17 19.08 23.05
CA ASN D 139 9.60 19.67 21.85
C ASN D 139 9.22 21.13 22.08
N GLY D 140 9.91 21.77 23.02
CA GLY D 140 9.68 23.17 23.34
C GLY D 140 11.00 23.81 23.74
N GLN D 141 10.93 25.07 24.15
CA GLN D 141 12.12 25.81 24.56
C GLN D 141 11.81 26.69 25.76
N ILE D 142 12.83 26.97 26.56
CA ILE D 142 12.67 27.85 27.72
C ILE D 142 13.52 29.11 27.51
N ASP D 143 12.86 30.25 27.39
CA ASP D 143 13.55 31.52 27.20
C ASP D 143 13.88 32.14 28.56
N VAL D 144 15.18 32.20 28.87
CA VAL D 144 15.65 32.78 30.12
C VAL D 144 16.36 34.10 29.82
N PRO D 145 15.60 35.18 29.76
CA PRO D 145 16.13 36.49 29.38
C PRO D 145 17.18 37.05 30.33
N GLY D 146 16.89 37.04 31.63
CA GLY D 146 17.81 37.64 32.60
C GLY D 146 18.12 36.80 33.83
N GLY D 147 18.75 35.65 33.63
CA GLY D 147 19.15 34.78 34.73
C GLY D 147 17.98 34.04 35.38
N ILE D 148 18.29 33.31 36.46
CA ILE D 148 17.30 32.54 37.19
C ILE D 148 17.38 32.83 38.69
N LEU D 149 17.64 34.08 39.05
CA LEU D 149 17.71 34.50 40.44
C LEU D 149 16.36 34.98 40.92
N PHE D 150 16.28 35.27 42.22
CA PHE D 150 15.05 35.75 42.83
C PHE D 150 14.45 36.90 42.04
N GLY D 151 13.18 36.78 41.67
CA GLY D 151 12.50 37.81 40.92
C GLY D 151 12.63 37.61 39.41
N ALA D 152 13.46 36.64 39.01
CA ALA D 152 13.68 36.38 37.59
C ALA D 152 12.41 35.91 36.91
N THR D 153 12.42 35.92 35.58
CA THR D 153 11.28 35.47 34.82
C THR D 153 11.73 34.61 33.64
N ILE D 154 10.91 33.62 33.29
CA ILE D 154 11.19 32.76 32.14
C ILE D 154 9.88 32.52 31.41
N SER D 155 9.95 32.44 30.09
CA SER D 155 8.76 32.18 29.30
C SER D 155 8.91 30.88 28.54
N PHE D 156 7.79 30.34 28.10
CA PHE D 156 7.78 29.05 27.42
C PHE D 156 7.22 29.18 26.02
N SER D 157 7.59 28.22 25.18
CA SER D 157 7.14 28.15 23.80
C SER D 157 7.29 26.73 23.30
N CYS D 158 6.59 26.41 22.22
CA CYS D 158 6.66 25.08 21.66
C CYS D 158 7.27 25.10 20.28
N ASN D 159 7.91 24.00 19.90
CA ASN D 159 8.53 23.91 18.61
C ASN D 159 7.48 23.70 17.53
N THR D 160 7.84 24.00 16.30
CA THR D 160 6.94 23.84 15.18
C THR D 160 6.30 22.45 15.17
N GLY D 161 4.98 22.42 15.23
CA GLY D 161 4.23 21.16 15.20
C GLY D 161 3.73 20.72 16.58
N TYR D 162 3.97 21.56 17.59
CA TYR D 162 3.57 21.24 18.96
C TYR D 162 2.81 22.40 19.57
N LYS D 163 1.92 22.09 20.49
CA LYS D 163 1.07 23.10 21.12
C LYS D 163 1.29 23.18 22.62
N LEU D 164 1.61 24.37 23.11
CA LEU D 164 1.84 24.57 24.53
C LEU D 164 0.58 24.33 25.34
N PHE D 165 0.73 23.58 26.42
CA PHE D 165 -0.36 23.31 27.34
C PHE D 165 0.09 23.59 28.76
N GLY D 166 -0.46 24.64 29.36
CA GLY D 166 -0.10 25.02 30.72
C GLY D 166 0.33 26.47 30.80
N SER D 167 1.23 26.76 31.74
CA SER D 167 1.72 28.12 31.95
C SER D 167 2.60 28.57 30.79
N THR D 168 2.57 29.86 30.50
CA THR D 168 3.37 30.42 29.42
C THR D 168 4.61 31.11 29.97
N SER D 169 4.64 31.29 31.29
CA SER D 169 5.77 31.91 31.96
C SER D 169 5.86 31.43 33.40
N SER D 170 6.99 31.69 34.03
CA SER D 170 7.21 31.28 35.41
C SER D 170 8.08 32.30 36.13
N PHE D 171 7.64 32.71 37.32
CA PHE D 171 8.37 33.69 38.13
C PHE D 171 9.11 33.02 39.27
N CYS D 172 10.33 33.49 39.54
CA CYS D 172 11.08 32.99 40.69
C CYS D 172 10.64 33.76 41.94
N LEU D 173 9.74 33.16 42.71
CA LEU D 173 9.20 33.78 43.91
C LEU D 173 9.81 33.18 45.16
N ILE D 174 9.64 33.87 46.29
CA ILE D 174 10.10 33.33 47.56
C ILE D 174 9.03 32.39 48.09
N SER D 175 9.40 31.13 48.26
CA SER D 175 8.47 30.13 48.73
C SER D 175 8.96 29.59 50.05
N GLY D 176 8.28 29.96 51.12
CA GLY D 176 8.66 29.52 52.46
C GLY D 176 10.09 29.88 52.82
N SER D 177 10.99 28.90 52.71
CA SER D 177 12.38 29.08 53.12
C SER D 177 13.35 29.53 52.01
N SER D 178 12.86 29.61 50.78
CA SER D 178 13.72 30.02 49.67
C SER D 178 12.97 30.61 48.50
N VAL D 179 13.51 30.40 47.30
CA VAL D 179 12.89 30.89 46.08
C VAL D 179 12.57 29.72 45.16
N GLN D 180 11.36 29.72 44.62
CA GLN D 180 10.89 28.65 43.75
C GLN D 180 10.07 29.21 42.58
N TRP D 181 10.11 28.52 41.44
CA TRP D 181 9.35 28.94 40.26
C TRP D 181 7.85 28.90 40.53
N SER D 182 7.18 30.02 40.30
CA SER D 182 5.75 30.14 40.53
C SER D 182 4.93 29.06 39.84
N ASP D 183 5.24 28.79 38.58
CA ASP D 183 4.49 27.84 37.78
C ASP D 183 5.31 26.65 37.31
N PRO D 184 4.67 25.51 37.18
CA PRO D 184 5.34 24.31 36.68
C PRO D 184 5.61 24.42 35.18
N LEU D 185 6.46 23.54 34.68
CA LEU D 185 6.79 23.53 33.26
C LEU D 185 5.60 23.03 32.45
N PRO D 186 5.20 23.80 31.45
CA PRO D 186 4.07 23.42 30.61
C PRO D 186 4.41 22.23 29.71
N GLU D 187 3.44 21.82 28.91
CA GLU D 187 3.62 20.67 28.02
C GLU D 187 3.49 21.09 26.57
N CYS D 188 4.33 20.51 25.71
CA CYS D 188 4.26 20.80 24.28
C CYS D 188 3.64 19.64 23.54
N ARG D 189 2.31 19.60 23.54
CA ARG D 189 1.56 18.53 22.87
C ARG D 189 1.96 18.43 21.42
N GLU D 190 1.27 17.71 20.67
CA GLU D 190 1.59 17.53 19.28
C GLU D 190 0.36 17.68 18.42
N ILE D 191 0.43 18.60 17.47
CA ILE D 191 -0.68 18.86 16.58
C ILE D 191 -0.78 17.74 15.56
N TYR D 192 -1.91 17.06 15.57
CA TYR D 192 -2.18 16.01 14.60
C TYR D 192 -3.09 16.58 13.55
N CYS D 193 -2.86 16.19 12.29
CA CYS D 193 -3.73 16.59 11.20
C CYS D 193 -4.96 15.70 11.30
N PRO D 194 -6.07 16.17 10.75
CA PRO D 194 -7.27 15.33 10.71
C PRO D 194 -6.92 14.08 9.91
N ALA D 195 -7.61 12.98 10.18
CA ALA D 195 -7.37 11.74 9.46
C ALA D 195 -7.45 11.99 7.96
N PRO D 196 -6.46 11.52 7.21
CA PRO D 196 -6.44 11.73 5.77
C PRO D 196 -7.74 11.22 5.16
N PRO D 197 -8.09 11.74 3.98
CA PRO D 197 -9.33 11.36 3.33
C PRO D 197 -9.19 10.10 2.49
N GLN D 198 -10.20 9.23 2.56
CA GLN D 198 -10.24 8.01 1.75
C GLN D 198 -10.69 8.43 0.36
N ILE D 199 -10.17 7.77 -0.66
CA ILE D 199 -10.54 8.12 -2.04
C ILE D 199 -11.20 6.98 -2.81
N ASP D 200 -12.17 7.34 -3.63
CA ASP D 200 -12.90 6.36 -4.44
C ASP D 200 -11.95 5.58 -5.33
N ASN D 201 -12.13 4.25 -5.36
CA ASN D 201 -11.33 3.38 -6.21
C ASN D 201 -9.83 3.45 -5.91
N GLY D 202 -9.48 3.90 -4.71
CA GLY D 202 -8.08 3.99 -4.33
C GLY D 202 -7.89 3.68 -2.85
N ILE D 203 -6.64 3.57 -2.44
CA ILE D 203 -6.31 3.29 -1.06
C ILE D 203 -5.11 4.10 -0.61
N ILE D 204 -4.96 4.24 0.70
CA ILE D 204 -3.82 4.93 1.29
C ILE D 204 -2.81 3.87 1.69
N GLN D 205 -1.58 4.02 1.20
CA GLN D 205 -0.52 3.07 1.50
C GLN D 205 -0.01 3.22 2.93
N GLY D 206 -0.18 2.17 3.73
CA GLY D 206 0.33 2.16 5.10
C GLY D 206 -0.23 3.29 5.95
N GLU D 207 -1.56 3.35 6.01
CA GLU D 207 -2.24 4.37 6.78
C GLU D 207 -1.81 4.31 8.25
N ARG D 208 -1.58 5.47 8.84
CA ARG D 208 -1.16 5.54 10.23
C ARG D 208 -2.30 5.99 11.12
N ASP D 209 -2.12 5.83 12.43
CA ASP D 209 -3.14 6.22 13.41
C ASP D 209 -3.18 7.74 13.53
N HIS D 210 -2.01 8.36 13.57
CA HIS D 210 -1.92 9.81 13.70
C HIS D 210 -0.82 10.36 12.82
N TYR D 211 -1.06 11.55 12.28
CA TYR D 211 -0.08 12.22 11.44
C TYR D 211 0.28 13.56 12.03
N GLY D 212 1.58 13.78 12.23
CA GLY D 212 2.07 15.03 12.77
C GLY D 212 2.63 15.92 11.67
N TYR D 213 3.12 17.08 12.06
CA TYR D 213 3.70 18.04 11.13
C TYR D 213 4.67 17.38 10.15
N ARG D 214 4.39 17.56 8.86
CA ARG D 214 5.26 17.08 7.78
C ARG D 214 5.05 15.63 7.36
N GLN D 215 4.45 14.82 8.23
CA GLN D 215 4.23 13.42 7.90
C GLN D 215 3.41 13.34 6.61
N SER D 216 3.71 12.35 5.77
CA SER D 216 3.05 12.21 4.48
C SER D 216 2.23 10.93 4.34
N VAL D 217 1.17 11.01 3.54
CA VAL D 217 0.35 9.83 3.24
C VAL D 217 0.37 9.56 1.74
N THR D 218 0.75 8.34 1.38
CA THR D 218 0.84 7.93 -0.01
C THR D 218 -0.44 7.27 -0.46
N TYR D 219 -0.93 7.65 -1.63
CA TYR D 219 -2.15 7.09 -2.15
C TYR D 219 -1.85 6.10 -3.24
N ALA D 220 -2.76 5.15 -3.45
CA ALA D 220 -2.60 4.14 -4.48
C ALA D 220 -3.97 3.82 -5.08
N CYS D 221 -4.01 3.70 -6.40
CA CYS D 221 -5.26 3.44 -7.09
C CYS D 221 -5.50 1.94 -7.26
N ASN D 222 -6.77 1.55 -7.20
CA ASN D 222 -7.14 0.17 -7.38
C ASN D 222 -6.86 -0.28 -8.82
N LYS D 223 -6.97 -1.58 -9.05
CA LYS D 223 -6.74 -2.15 -10.37
C LYS D 223 -7.73 -1.61 -11.39
N GLY D 224 -7.24 -1.23 -12.56
CA GLY D 224 -8.10 -0.73 -13.63
C GLY D 224 -8.44 0.75 -13.45
N PHE D 225 -7.75 1.41 -12.53
CA PHE D 225 -7.99 2.81 -12.26
C PHE D 225 -6.74 3.63 -12.49
N THR D 226 -6.94 4.89 -12.87
CA THR D 226 -5.83 5.78 -13.17
C THR D 226 -5.73 6.87 -12.14
N MET D 227 -4.51 7.18 -11.73
CA MET D 227 -4.30 8.23 -10.75
C MET D 227 -4.14 9.59 -11.43
N ILE D 228 -4.94 10.54 -10.97
CA ILE D 228 -4.88 11.90 -11.50
C ILE D 228 -4.70 12.87 -10.35
N GLY D 229 -3.45 13.21 -10.06
CA GLY D 229 -3.15 14.11 -8.97
C GLY D 229 -1.85 13.74 -8.30
N GLU D 230 -1.63 14.27 -7.09
CA GLU D 230 -0.40 14.02 -6.35
C GLU D 230 -0.41 12.65 -5.70
N HIS D 231 0.68 11.92 -5.83
CA HIS D 231 0.74 10.56 -5.27
C HIS D 231 0.61 10.54 -3.75
N SER D 232 1.02 11.63 -3.10
CA SER D 232 0.94 11.73 -1.66
C SER D 232 0.64 13.16 -1.23
N ILE D 233 0.14 13.31 -0.01
CA ILE D 233 -0.11 14.61 0.60
C ILE D 233 0.49 14.56 1.99
N TYR D 234 0.87 15.72 2.50
CA TYR D 234 1.50 15.79 3.81
C TYR D 234 0.81 16.75 4.76
N CYS D 235 1.11 16.58 6.04
CA CYS D 235 0.52 17.37 7.10
C CYS D 235 1.27 18.69 7.33
N THR D 236 0.57 19.80 7.12
CA THR D 236 1.14 21.12 7.37
C THR D 236 0.56 21.65 8.67
N VAL D 237 1.42 22.23 9.52
CA VAL D 237 0.97 22.70 10.82
C VAL D 237 1.05 24.22 11.07
N ASN D 238 0.77 24.99 10.04
CA ASN D 238 0.50 26.40 10.21
C ASN D 238 -0.95 26.25 10.64
N ASN D 239 -1.34 26.75 11.81
CA ASN D 239 -0.51 27.58 12.68
C ASN D 239 -0.96 27.18 14.07
N ASP D 240 -0.42 26.06 14.55
CA ASP D 240 -0.88 25.47 15.80
C ASP D 240 -2.22 24.73 15.56
N GLU D 241 -2.44 24.38 14.29
CA GLU D 241 -3.56 23.56 13.86
C GLU D 241 -3.09 22.78 12.63
N GLY D 242 -3.45 21.50 12.55
CA GLY D 242 -3.01 20.65 11.44
C GLY D 242 -3.94 20.72 10.24
N GLU D 243 -3.36 20.65 9.05
CA GLU D 243 -4.13 20.72 7.82
C GLU D 243 -3.35 20.10 6.65
N TRP D 244 -4.00 19.19 5.93
CA TRP D 244 -3.36 18.50 4.81
C TRP D 244 -2.96 19.45 3.69
N SER D 245 -1.73 19.28 3.20
CA SER D 245 -1.18 20.14 2.15
C SER D 245 -2.17 20.48 1.05
N GLY D 246 -2.79 19.47 0.47
CA GLY D 246 -3.74 19.69 -0.61
C GLY D 246 -4.79 18.60 -0.60
N PRO D 247 -5.43 18.40 -1.75
CA PRO D 247 -6.49 17.40 -1.88
C PRO D 247 -5.88 16.09 -2.35
N PRO D 248 -6.51 14.99 -1.96
CA PRO D 248 -6.07 13.66 -2.38
C PRO D 248 -6.21 13.50 -3.87
N PRO D 249 -5.56 12.49 -4.43
CA PRO D 249 -5.62 12.24 -5.87
C PRO D 249 -6.93 11.61 -6.30
N GLU D 250 -7.12 11.54 -7.61
CA GLU D 250 -8.30 10.90 -8.17
C GLU D 250 -7.89 9.60 -8.81
N CYS D 251 -8.72 8.58 -8.62
CA CYS D 251 -8.48 7.30 -9.26
C CYS D 251 -9.55 7.09 -10.31
N ARG D 252 -9.28 7.57 -11.52
CA ARG D 252 -10.25 7.52 -12.61
C ARG D 252 -10.33 6.12 -13.22
N GLY D 253 -11.56 5.64 -13.38
CA GLY D 253 -11.81 4.32 -13.95
C GLY D 253 -11.98 4.40 -15.47
N CYS D 254 -11.83 3.25 -16.15
CA CYS D 254 -11.97 3.19 -17.59
C CYS D 254 -13.41 2.92 -18.03
C ACT E . -3.69 -40.34 -29.56
O ACT E . -4.36 -41.13 -28.76
OXT ACT E . -2.46 -40.47 -29.91
CH3 ACT E . -4.32 -39.11 -30.13
C ACT F . 10.81 8.24 -12.08
O ACT F . 10.15 7.42 -11.28
OXT ACT F . 12.03 8.13 -12.44
CH3 ACT F . 10.15 9.46 -12.63
C1 GOL G . 12.00 26.22 16.98
O1 GOL G . 13.58 25.94 16.75
C2 GOL G . 10.97 25.92 16.08
O2 GOL G . 10.97 24.62 15.76
C3 GOL G . 10.17 26.84 16.10
O3 GOL G . 9.47 28.17 16.53
S SO4 H . -10.58 -23.94 -11.37
O1 SO4 H . -10.33 -25.12 -12.25
O2 SO4 H . -11.71 -23.13 -11.78
O3 SO4 H . -10.95 -24.50 -10.03
O4 SO4 H . -9.30 -23.22 -11.19
C1 GOL I . -3.08 -21.98 -0.69
O1 GOL I . -1.52 -22.36 -0.82
C2 GOL I . -4.05 -22.11 -1.71
O2 GOL I . -4.24 -23.41 -2.00
C3 GOL I . -4.67 -21.07 -1.77
O3 GOL I . -5.00 -19.54 -1.88
C ACT J . -5.37 -22.22 18.26
O ACT J . -5.44 -21.03 17.74
OXT ACT J . -6.29 -22.80 18.94
CH3 ACT J . -4.15 -23.05 18.10
S SO4 K . -9.06 -38.07 -10.47
O1 SO4 K . -8.80 -39.17 -11.43
O2 SO4 K . -10.41 -38.08 -9.92
O3 SO4 K . -8.16 -38.31 -9.29
O4 SO4 K . -8.62 -36.80 -11.08
C1 GOL L . -10.56 -19.04 4.70
O1 GOL L . -9.75 -17.68 4.98
C2 GOL L . -10.55 -19.78 3.50
O2 GOL L . -9.65 -19.25 2.64
C3 GOL L . -11.56 -20.45 3.46
O3 GOL L . -13.09 -20.81 3.43
S SO4 M . 3.85 24.35 6.33
O1 SO4 M . 4.12 23.19 5.44
O2 SO4 M . 2.70 25.15 5.93
O3 SO4 M . 3.51 23.79 7.67
O4 SO4 M . 5.12 25.09 6.50
C ACT N . 9.36 26.32 36.09
O ACT N . 9.15 27.51 35.57
OXT ACT N . 8.52 25.66 36.77
CH3 ACT N . 10.65 25.60 35.90
C1 GOL O . 4.36 28.68 22.64
O1 GOL O . 4.56 30.24 23.05
C2 GOL O . 4.15 28.18 21.34
O2 GOL O . 5.16 28.54 20.53
C3 GOL O . 3.31 27.31 21.41
O3 GOL O . 1.92 26.60 21.37
C1 GOL P . 15.07 76.16 75.11
O1 GOL P . 16.59 75.66 75.07
C2 GOL P . 14.62 77.48 74.98
O2 GOL P . 14.84 77.93 73.72
C3 GOL P . 14.38 77.94 76.07
O3 GOL P . 13.61 78.30 77.37
C1 GOL Q . 7.06 8.71 7.08
O1 GOL Q . 6.90 7.32 7.88
C2 GOL Q . 6.64 9.95 7.54
O2 GOL Q . 5.31 10.10 7.31
C3 GOL Q . 7.47 10.40 8.28
O3 GOL Q . 8.31 10.65 9.58
#